data_9KD6
#
_entry.id   9KD6
#
_cell.length_a   1.00
_cell.length_b   1.00
_cell.length_c   1.00
_cell.angle_alpha   90.00
_cell.angle_beta   90.00
_cell.angle_gamma   90.00
#
_symmetry.space_group_name_H-M   'P 1'
#
_entity_poly.entity_id   1
_entity_poly.type   'polypeptide(L)'
_entity_poly.pdbx_seq_one_letter_code
;MESTTEVTGATGVVTNVAAAPLPEATSSMSLAPTVNSIDPWIFLNPTEVPGGTFTVASNTQPGTMLLDIEISPELNIFTA
HMFRMYAGWSGGFAIKLLVAGNAFSAGKLIVAIIPPNVQVPNSAYLLTGFPHEILDFRTADQVEIIAPDIKNLDYHFRGD
KLGRLVVMVYSPLRSTATDFEIEIKLLSAPLPDFKFTMLVPPVQNNALPIWQIPPTPPGAMVNPRSPLTPVVDLYINSSW
TTCNHQLGRYTIDGGAIGNSTFNPSGLWTGTFTAESGSVSGQTNWRIAMLDNPYNPTSDPTLPPVPRGFCDWGSGVKSGA
RQHLVCFTGVETDNGEGYKDVDAHMWDYGDDATIGLDNTYQRQIYISDPTALDSGKRYIIIPMGASGSATDDTLQISPNC
YGSWDYAPTIAPPLGEQIVWFRSYLPASSTSASSGVNSVSAHISSLMSPDLIRSAYVSGFPEGKAALLDYVLYGGSVVEQ
FKMYREGYLTANATGTNTGFIIPPDGYFRFNSWVSPTFVIGNVVDLSSSRSLTFH
;
_entity_poly.pdbx_strand_id   A,B
#
# COMPACT_ATOMS: atom_id res chain seq x y z
N ALA A 20 -28.56 34.96 -0.10
CA ALA A 20 -29.17 36.28 -0.01
C ALA A 20 -30.57 36.35 -0.63
N PRO A 21 -30.77 35.84 -1.86
CA PRO A 21 -32.10 35.94 -2.48
C PRO A 21 -33.13 34.97 -1.92
N LEU A 22 -32.73 34.04 -1.04
CA LEU A 22 -33.69 33.07 -0.53
C LEU A 22 -33.46 32.81 0.95
N PRO A 23 -34.47 33.04 1.80
CA PRO A 23 -34.33 32.73 3.22
C PRO A 23 -34.26 31.23 3.47
N GLU A 24 -33.64 30.88 4.59
CA GLU A 24 -33.48 29.49 5.01
C GLU A 24 -34.54 29.14 6.06
N ALA A 25 -34.61 27.85 6.37
CA ALA A 25 -35.59 27.33 7.32
C ALA A 25 -34.96 27.16 8.69
N THR A 26 -35.76 27.44 9.72
CA THR A 26 -35.29 27.36 11.10
C THR A 26 -35.00 25.93 11.56
N SER A 27 -35.83 24.96 11.14
CA SER A 27 -35.62 23.55 11.46
C SER A 27 -35.56 23.32 12.97
N SER A 28 -36.71 23.54 13.61
CA SER A 28 -36.80 23.41 15.06
C SER A 28 -36.32 22.04 15.55
N MET A 29 -36.48 21.00 14.73
CA MET A 29 -35.86 19.70 14.95
C MET A 29 -36.32 19.08 16.27
N SER A 30 -37.63 18.83 16.35
CA SER A 30 -38.20 18.27 17.57
C SER A 30 -38.07 16.75 17.63
N LEU A 31 -37.97 16.09 16.48
CA LEU A 31 -38.00 14.63 16.42
C LEU A 31 -36.60 14.01 16.47
N ALA A 32 -35.56 14.82 16.65
CA ALA A 32 -34.20 14.31 16.69
C ALA A 32 -33.67 14.35 18.13
N PRO A 33 -33.47 13.21 18.77
CA PRO A 33 -32.92 13.23 20.14
C PRO A 33 -31.46 13.66 20.15
N THR A 34 -31.08 14.40 21.20
CA THR A 34 -29.71 14.77 21.49
C THR A 34 -29.08 15.55 20.33
N VAL A 35 -29.64 16.74 20.09
CA VAL A 35 -28.99 17.69 19.20
C VAL A 35 -27.67 18.13 19.81
N ASN A 36 -26.68 18.40 18.96
CA ASN A 36 -25.33 18.65 19.41
C ASN A 36 -24.80 19.98 18.86
N SER A 37 -23.82 20.53 19.56
CA SER A 37 -23.26 21.84 19.27
C SER A 37 -21.86 21.70 18.71
N ILE A 38 -21.45 22.64 17.87
CA ILE A 38 -20.15 22.63 17.26
C ILE A 38 -19.35 23.83 17.76
N ASP A 39 -18.11 23.93 17.30
CA ASP A 39 -17.21 24.98 17.77
C ASP A 39 -17.74 26.35 17.37
N PRO A 40 -17.51 27.40 18.17
CA PRO A 40 -17.98 28.74 17.79
C PRO A 40 -17.08 29.47 16.82
N TRP A 41 -15.80 29.09 16.71
CA TRP A 41 -14.89 29.78 15.80
C TRP A 41 -14.94 29.25 14.38
N ILE A 42 -15.61 28.12 14.15
CA ILE A 42 -15.71 27.57 12.80
C ILE A 42 -16.51 28.50 11.90
N PHE A 43 -17.58 29.11 12.44
CA PHE A 43 -18.42 29.98 11.63
C PHE A 43 -17.69 31.21 11.14
N LEU A 44 -16.54 31.54 11.73
CA LEU A 44 -15.85 32.79 11.44
C LEU A 44 -14.74 32.64 10.40
N ASN A 45 -13.96 31.56 10.47
CA ASN A 45 -12.88 31.35 9.52
C ASN A 45 -13.40 30.53 8.35
N PRO A 46 -13.48 31.08 7.14
CA PRO A 46 -13.92 30.27 6.01
C PRO A 46 -12.77 29.53 5.35
N THR A 47 -12.95 28.23 5.11
CA THR A 47 -11.96 27.41 4.44
C THR A 47 -12.40 27.17 3.01
N GLU A 48 -11.64 26.35 2.30
CA GLU A 48 -11.91 26.08 0.89
C GLU A 48 -12.73 24.80 0.73
N VAL A 49 -13.77 24.89 -0.09
CA VAL A 49 -14.54 23.70 -0.44
C VAL A 49 -13.64 22.74 -1.22
N PRO A 50 -13.62 21.46 -0.87
CA PRO A 50 -12.64 20.54 -1.49
C PRO A 50 -12.73 20.45 -3.01
N GLY A 51 -13.86 20.01 -3.55
CA GLY A 51 -13.96 19.82 -4.98
C GLY A 51 -14.55 20.99 -5.74
N GLY A 52 -14.04 22.19 -5.52
CA GLY A 52 -14.70 23.37 -6.04
C GLY A 52 -13.85 24.36 -6.80
N THR A 53 -12.92 23.88 -7.62
CA THR A 53 -12.12 24.74 -8.48
C THR A 53 -12.36 24.38 -9.93
N PHE A 54 -12.26 25.37 -10.82
CA PHE A 54 -12.41 25.09 -12.24
C PHE A 54 -11.79 26.22 -13.04
N THR A 55 -11.87 26.11 -14.36
CA THR A 55 -11.30 27.10 -15.26
C THR A 55 -12.30 27.47 -16.34
N VAL A 56 -12.19 28.70 -16.81
CA VAL A 56 -12.97 29.22 -17.92
C VAL A 56 -11.98 29.77 -18.95
N ALA A 57 -12.18 29.38 -20.21
CA ALA A 57 -11.37 29.86 -21.31
C ALA A 57 -12.30 30.47 -22.36
N SER A 58 -11.70 30.89 -23.48
CA SER A 58 -12.48 31.48 -24.55
C SER A 58 -13.07 30.45 -25.50
N ASN A 59 -12.85 29.17 -25.27
CA ASN A 59 -13.31 28.12 -26.17
C ASN A 59 -14.35 27.20 -25.53
N THR A 60 -14.89 27.58 -24.38
CA THR A 60 -15.90 26.75 -23.74
C THR A 60 -17.20 26.78 -24.55
N GLN A 61 -17.80 25.62 -24.73
CA GLN A 61 -19.07 25.55 -25.45
C GLN A 61 -20.16 26.23 -24.65
N PRO A 62 -21.02 27.05 -25.26
CA PRO A 62 -22.11 27.69 -24.51
C PRO A 62 -23.07 26.66 -23.93
N GLY A 63 -23.66 27.01 -22.80
CA GLY A 63 -24.61 26.14 -22.14
C GLY A 63 -24.00 24.88 -21.56
N THR A 64 -22.88 25.02 -20.85
CA THR A 64 -22.22 23.90 -20.20
C THR A 64 -22.11 24.20 -18.72
N MET A 65 -22.41 23.19 -17.90
CA MET A 65 -22.37 23.34 -16.45
C MET A 65 -20.92 23.24 -16.00
N LEU A 66 -20.35 24.38 -15.61
CA LEU A 66 -18.98 24.40 -15.11
C LEU A 66 -18.86 23.83 -13.71
N LEU A 67 -19.95 23.79 -12.95
CA LEU A 67 -19.93 23.24 -11.61
C LEU A 67 -21.37 22.91 -11.20
N ASP A 68 -21.53 21.70 -10.65
CA ASP A 68 -22.84 21.20 -10.22
C ASP A 68 -22.70 20.55 -8.84
N ILE A 69 -22.07 21.26 -7.91
CA ILE A 69 -21.82 20.69 -6.59
C ILE A 69 -23.12 20.64 -5.81
N GLU A 70 -23.15 19.81 -4.76
CA GLU A 70 -24.35 19.52 -3.99
C GLU A 70 -24.17 19.97 -2.55
N ILE A 71 -25.20 20.61 -1.99
CA ILE A 71 -25.12 21.15 -0.64
C ILE A 71 -25.08 20.01 0.37
N SER A 72 -24.09 20.05 1.25
CA SER A 72 -23.87 19.02 2.26
C SER A 72 -22.81 19.53 3.23
N PRO A 73 -22.62 18.85 4.36
CA PRO A 73 -21.52 19.25 5.27
C PRO A 73 -20.14 19.08 4.67
N GLU A 74 -20.06 18.54 3.46
CA GLU A 74 -18.74 18.30 2.82
C GLU A 74 -18.34 19.53 2.00
N LEU A 75 -18.61 20.73 2.52
CA LEU A 75 -18.20 21.98 1.82
C LEU A 75 -17.15 22.71 2.67
N ASN A 76 -16.92 22.25 3.90
CA ASN A 76 -15.89 22.88 4.78
C ASN A 76 -15.03 21.76 5.38
N ILE A 77 -13.72 21.79 5.14
CA ILE A 77 -12.84 20.74 5.62
C ILE A 77 -13.10 20.43 7.08
N PHE A 78 -13.47 21.45 7.87
CA PHE A 78 -13.75 21.22 9.29
C PHE A 78 -15.03 20.43 9.51
N THR A 79 -16.13 20.81 8.86
CA THR A 79 -17.36 20.05 9.02
C THR A 79 -17.33 18.72 8.26
N ALA A 80 -16.45 18.59 7.27
CA ALA A 80 -16.26 17.29 6.64
C ALA A 80 -15.55 16.30 7.55
N HIS A 81 -14.61 16.79 8.36
CA HIS A 81 -13.96 15.95 9.37
C HIS A 81 -14.84 15.71 10.58
N MET A 82 -15.65 16.69 10.97
CA MET A 82 -16.56 16.52 12.09
C MET A 82 -17.68 15.53 11.78
N PHE A 83 -18.16 15.48 10.54
CA PHE A 83 -19.34 14.70 10.20
C PHE A 83 -19.14 13.21 10.38
N ARG A 84 -17.91 12.72 10.50
CA ARG A 84 -17.69 11.29 10.65
C ARG A 84 -18.15 10.76 12.00
N MET A 85 -18.48 11.64 12.95
CA MET A 85 -18.92 11.22 14.27
C MET A 85 -20.43 11.28 14.47
N TYR A 86 -21.16 11.92 13.58
CA TYR A 86 -22.58 12.13 13.78
C TYR A 86 -23.38 11.37 12.72
N ALA A 87 -24.70 11.52 12.77
CA ALA A 87 -25.57 10.77 11.83
C ALA A 87 -26.58 11.70 11.15
N GLY A 88 -26.68 12.95 11.63
CA GLY A 88 -27.67 13.89 11.07
C GLY A 88 -27.12 15.30 11.04
N TRP A 89 -27.52 16.09 10.03
CA TRP A 89 -27.07 17.50 9.93
C TRP A 89 -28.24 18.38 9.49
N SER A 90 -28.15 19.70 9.73
CA SER A 90 -29.22 20.63 9.32
C SER A 90 -28.68 22.07 9.35
N GLY A 91 -28.62 22.74 8.19
CA GLY A 91 -28.15 24.14 8.14
C GLY A 91 -27.58 24.49 6.79
N GLY A 92 -27.56 25.77 6.44
CA GLY A 92 -27.02 26.21 5.16
C GLY A 92 -25.60 26.75 5.30
N PHE A 93 -25.02 27.21 4.19
CA PHE A 93 -23.66 27.72 4.17
C PHE A 93 -23.62 29.11 3.55
N ALA A 94 -22.45 29.73 3.63
CA ALA A 94 -22.21 31.03 3.00
C ALA A 94 -20.97 30.89 2.13
N ILE A 95 -21.15 31.01 0.82
CA ILE A 95 -20.09 30.71 -0.13
C ILE A 95 -19.55 32.02 -0.70
N LYS A 96 -18.26 32.03 -1.01
CA LYS A 96 -17.59 33.17 -1.62
C LYS A 96 -16.83 32.70 -2.84
N LEU A 97 -16.70 33.60 -3.83
CA LEU A 97 -16.06 33.24 -5.09
C LEU A 97 -14.81 34.07 -5.31
N LEU A 98 -13.73 33.41 -5.73
CA LEU A 98 -12.52 34.06 -6.18
C LEU A 98 -12.34 33.79 -7.67
N VAL A 99 -12.16 34.85 -8.44
CA VAL A 99 -12.21 34.77 -9.90
C VAL A 99 -10.82 34.82 -10.52
N ALA A 100 -9.91 35.62 -9.99
CA ALA A 100 -8.53 35.70 -10.46
C ALA A 100 -8.47 35.96 -11.97
N GLY A 101 -9.08 37.05 -12.38
CA GLY A 101 -9.15 37.44 -13.78
C GLY A 101 -8.02 38.37 -14.17
N ASN A 102 -8.31 39.26 -15.11
CA ASN A 102 -7.32 40.21 -15.62
C ASN A 102 -8.03 41.55 -15.81
N ALA A 103 -7.36 42.49 -16.47
CA ALA A 103 -7.96 43.78 -16.78
C ALA A 103 -8.44 43.87 -18.22
N PHE A 104 -8.36 42.77 -18.97
CA PHE A 104 -8.83 42.74 -20.36
C PHE A 104 -10.03 41.84 -20.58
N SER A 105 -10.21 40.82 -19.76
CA SER A 105 -11.32 39.89 -19.94
C SER A 105 -12.65 40.61 -19.77
N ALA A 106 -13.61 40.27 -20.63
CA ALA A 106 -14.91 40.94 -20.62
C ALA A 106 -16.00 39.88 -20.80
N GLY A 107 -16.62 39.49 -19.70
CA GLY A 107 -17.69 38.52 -19.73
C GLY A 107 -18.31 38.40 -18.35
N LYS A 108 -19.38 37.64 -18.27
CA LYS A 108 -20.13 37.52 -17.02
C LYS A 108 -20.42 36.07 -16.69
N LEU A 109 -20.32 35.74 -15.42
CA LEU A 109 -20.62 34.43 -14.90
C LEU A 109 -22.01 34.43 -14.25
N ILE A 110 -22.46 33.27 -13.78
CA ILE A 110 -23.75 33.19 -13.11
C ILE A 110 -23.75 31.95 -12.24
N VAL A 111 -24.31 32.07 -11.03
CA VAL A 111 -24.39 30.99 -10.07
C VAL A 111 -25.78 31.03 -9.43
N ALA A 112 -26.43 29.87 -9.37
CA ALA A 112 -27.80 29.77 -8.89
C ALA A 112 -27.95 28.59 -7.94
N ILE A 113 -29.14 28.46 -7.38
CA ILE A 113 -29.46 27.40 -6.42
C ILE A 113 -30.75 26.72 -6.89
N ILE A 114 -30.71 25.41 -7.01
CA ILE A 114 -31.80 24.61 -7.58
C ILE A 114 -32.42 23.77 -6.48
N PRO A 115 -33.72 23.91 -6.21
CA PRO A 115 -34.36 23.03 -5.23
C PRO A 115 -34.41 21.60 -5.74
N PRO A 116 -34.54 20.62 -4.85
CA PRO A 116 -34.58 19.23 -5.28
C PRO A 116 -35.82 18.92 -6.09
N ASN A 117 -35.69 17.89 -6.94
CA ASN A 117 -36.77 17.44 -7.81
C ASN A 117 -37.29 18.57 -8.69
N VAL A 118 -36.40 19.08 -9.55
CA VAL A 118 -36.75 20.14 -10.47
C VAL A 118 -35.87 20.05 -11.69
N GLN A 119 -36.48 20.06 -12.88
CA GLN A 119 -35.73 19.93 -14.13
C GLN A 119 -35.02 21.24 -14.44
N VAL A 120 -33.71 21.24 -14.28
CA VAL A 120 -32.90 22.43 -14.54
C VAL A 120 -32.69 22.59 -16.05
N PRO A 121 -32.98 23.76 -16.61
CA PRO A 121 -32.71 23.98 -18.03
C PRO A 121 -31.22 24.24 -18.26
N ASN A 122 -30.82 24.16 -19.53
CA ASN A 122 -29.42 24.31 -19.91
C ASN A 122 -29.18 25.59 -20.71
N SER A 123 -29.93 26.66 -20.43
CA SER A 123 -29.71 27.95 -21.04
C SER A 123 -29.63 29.02 -19.96
N ALA A 124 -28.76 30.00 -20.16
CA ALA A 124 -28.59 31.07 -19.19
C ALA A 124 -29.77 32.04 -19.20
N TYR A 125 -30.60 32.03 -20.24
CA TYR A 125 -31.77 32.90 -20.26
C TYR A 125 -32.85 32.41 -19.31
N LEU A 126 -33.11 31.10 -19.30
CA LEU A 126 -34.09 30.54 -18.38
C LEU A 126 -33.55 30.38 -16.97
N LEU A 127 -32.23 30.34 -16.81
CA LEU A 127 -31.64 30.06 -15.50
C LEU A 127 -31.72 31.24 -14.55
N THR A 128 -32.07 32.43 -15.04
CA THR A 128 -32.24 33.57 -14.15
C THR A 128 -33.68 33.69 -13.66
N GLY A 129 -34.19 32.59 -13.13
CA GLY A 129 -35.47 32.60 -12.45
C GLY A 129 -35.30 32.12 -11.03
N PHE A 130 -34.34 31.23 -10.83
CA PHE A 130 -33.95 30.80 -9.50
C PHE A 130 -33.18 31.92 -8.81
N PRO A 131 -33.07 31.87 -7.48
CA PRO A 131 -32.19 32.83 -6.79
C PRO A 131 -30.77 32.76 -7.33
N HIS A 132 -30.33 33.86 -7.94
CA HIS A 132 -29.13 33.88 -8.74
C HIS A 132 -28.21 35.01 -8.30
N GLU A 133 -27.00 35.01 -8.88
CA GLU A 133 -26.02 36.06 -8.67
C GLU A 133 -25.18 36.17 -9.93
N ILE A 134 -24.95 37.39 -10.40
CA ILE A 134 -24.18 37.65 -11.61
C ILE A 134 -22.95 38.47 -11.23
N LEU A 135 -21.77 37.96 -11.58
CA LEU A 135 -20.53 38.62 -11.25
C LEU A 135 -19.67 38.73 -12.51
N ASP A 136 -19.03 39.88 -12.68
CA ASP A 136 -18.16 40.09 -13.82
C ASP A 136 -16.90 39.24 -13.69
N PHE A 137 -16.05 39.29 -14.72
CA PHE A 137 -14.83 38.50 -14.70
C PHE A 137 -13.67 39.27 -14.09
N ARG A 138 -13.61 40.58 -14.31
CA ARG A 138 -12.52 41.41 -13.82
C ARG A 138 -12.81 42.02 -12.45
N THR A 139 -13.63 41.38 -11.62
CA THR A 139 -14.02 41.99 -10.36
C THR A 139 -12.85 42.14 -9.41
N ALA A 140 -12.08 41.07 -9.21
CA ALA A 140 -10.98 41.03 -8.25
C ALA A 140 -11.46 41.40 -6.84
N ASP A 141 -12.57 40.77 -6.45
CA ASP A 141 -13.15 40.95 -5.13
C ASP A 141 -13.61 39.59 -4.63
N GLN A 142 -14.39 39.59 -3.55
CA GLN A 142 -14.93 38.35 -2.99
C GLN A 142 -16.44 38.50 -2.91
N VAL A 143 -17.14 38.12 -3.97
CA VAL A 143 -18.60 38.13 -3.97
C VAL A 143 -19.04 36.92 -3.15
N GLU A 144 -20.21 37.02 -2.51
CA GLU A 144 -20.70 35.97 -1.65
C GLU A 144 -22.18 35.73 -1.90
N ILE A 145 -22.60 34.49 -1.70
CA ILE A 145 -23.98 34.08 -1.85
C ILE A 145 -24.31 33.11 -0.72
N ILE A 146 -25.49 33.27 -0.12
CA ILE A 146 -25.93 32.40 0.97
C ILE A 146 -26.68 31.23 0.35
N ALA A 147 -26.23 30.01 0.66
CA ALA A 147 -26.86 28.81 0.15
C ALA A 147 -27.70 28.19 1.26
N PRO A 148 -29.02 28.34 1.23
CA PRO A 148 -29.85 27.77 2.30
C PRO A 148 -30.06 26.29 2.10
N ASP A 149 -30.57 25.65 3.16
CA ASP A 149 -30.93 24.25 3.11
C ASP A 149 -32.39 24.16 2.70
N ILE A 150 -32.63 23.73 1.46
CA ILE A 150 -34.03 23.56 0.96
C ILE A 150 -34.54 22.19 1.43
N LYS A 151 -34.66 22.00 2.74
CA LYS A 151 -35.11 20.70 3.30
C LYS A 151 -36.63 20.69 3.45
N ASN A 152 -37.25 19.51 3.42
CA ASN A 152 -38.72 19.40 3.64
C ASN A 152 -38.96 18.50 4.86
N LEU A 153 -37.91 17.82 5.32
CA LEU A 153 -38.03 16.90 6.48
C LEU A 153 -37.39 17.54 7.71
N ASP A 154 -37.62 16.96 8.89
CA ASP A 154 -37.07 17.52 10.16
C ASP A 154 -35.59 17.86 9.98
N TYR A 155 -34.78 16.89 9.54
CA TYR A 155 -33.31 17.11 9.40
C TYR A 155 -32.73 16.01 8.51
N HIS A 156 -31.69 16.35 7.74
CA HIS A 156 -31.09 15.36 6.80
C HIS A 156 -30.47 14.20 7.56
N PHE A 157 -30.35 13.05 6.90
CA PHE A 157 -29.76 11.84 7.55
C PHE A 157 -29.00 11.05 6.50
N ARG A 158 -27.94 11.64 5.93
CA ARG A 158 -27.15 10.97 4.87
C ARG A 158 -28.09 10.50 3.75
N GLY A 159 -28.92 11.41 3.22
CA GLY A 159 -29.84 11.07 2.12
C GLY A 159 -29.76 12.10 1.01
N ASP A 160 -30.85 12.29 0.26
CA ASP A 160 -30.87 13.27 -0.85
C ASP A 160 -30.85 14.69 -0.28
N LYS A 161 -29.93 15.54 -0.77
CA LYS A 161 -29.86 16.94 -0.30
C LYS A 161 -29.93 17.86 -1.53
N LEU A 162 -29.46 17.37 -2.68
CA LEU A 162 -29.49 18.17 -3.93
C LEU A 162 -29.23 19.64 -3.54
N GLY A 163 -30.16 20.53 -3.88
CA GLY A 163 -29.96 21.93 -3.58
C GLY A 163 -28.72 22.38 -4.31
N ARG A 164 -28.48 21.76 -5.47
CA ARG A 164 -27.23 21.91 -6.20
C ARG A 164 -26.95 23.38 -6.51
N LEU A 165 -25.71 23.64 -6.90
CA LEU A 165 -25.16 24.99 -7.00
C LEU A 165 -24.62 25.23 -8.41
N VAL A 166 -25.46 24.96 -9.41
CA VAL A 166 -25.03 25.03 -10.81
C VAL A 166 -24.40 26.38 -11.11
N VAL A 167 -23.39 26.37 -11.97
CA VAL A 167 -22.67 27.57 -12.38
C VAL A 167 -22.53 27.56 -13.89
N MET A 168 -22.79 28.70 -14.54
CA MET A 168 -22.71 28.78 -15.99
C MET A 168 -22.08 30.07 -16.48
N VAL A 169 -22.20 30.35 -17.77
CA VAL A 169 -21.64 31.55 -18.39
C VAL A 169 -22.78 32.37 -18.97
N TYR A 170 -22.95 33.60 -18.50
CA TYR A 170 -24.06 34.43 -18.95
C TYR A 170 -23.79 35.00 -20.33
N SER A 171 -22.68 35.72 -20.49
CA SER A 171 -22.29 36.29 -21.77
C SER A 171 -20.87 35.87 -22.09
N PRO A 172 -20.61 35.31 -23.27
CA PRO A 172 -19.26 34.80 -23.57
C PRO A 172 -18.23 35.92 -23.59
N LEU A 173 -17.01 35.56 -23.21
CA LEU A 173 -15.92 36.54 -23.15
C LEU A 173 -15.37 36.73 -24.55
N ARG A 174 -15.91 37.73 -25.25
CA ARG A 174 -15.54 38.03 -26.63
C ARG A 174 -14.21 38.78 -26.63
N SER A 175 -13.12 38.05 -26.78
CA SER A 175 -11.80 38.66 -26.86
C SER A 175 -10.86 37.68 -27.51
N THR A 176 -9.97 38.19 -28.37
CA THR A 176 -8.99 37.36 -29.04
C THR A 176 -7.56 37.83 -28.86
N ALA A 177 -7.34 39.00 -28.26
CA ALA A 177 -5.99 39.50 -28.06
C ALA A 177 -5.25 38.77 -26.93
N THR A 178 -5.96 38.35 -25.89
CA THR A 178 -5.33 37.75 -24.71
C THR A 178 -5.18 36.24 -24.82
N ASP A 179 -6.29 35.51 -24.84
CA ASP A 179 -6.30 34.05 -24.99
C ASP A 179 -5.50 33.38 -23.87
N PHE A 180 -6.02 33.49 -22.66
CA PHE A 180 -5.44 32.79 -21.51
C PHE A 180 -6.58 32.29 -20.63
N GLU A 181 -6.22 31.47 -19.65
CA GLU A 181 -7.20 30.76 -18.82
C GLU A 181 -7.50 31.53 -17.55
N ILE A 182 -8.74 31.42 -17.08
CA ILE A 182 -9.18 32.03 -15.84
C ILE A 182 -9.49 30.91 -14.86
N GLU A 183 -9.00 31.04 -13.63
CA GLU A 183 -9.15 30.00 -12.62
C GLU A 183 -10.04 30.51 -11.50
N ILE A 184 -11.11 29.75 -11.20
CA ILE A 184 -12.13 30.17 -10.25
C ILE A 184 -12.17 29.17 -9.11
N LYS A 185 -12.18 29.69 -7.88
CA LYS A 185 -12.23 28.89 -6.66
C LYS A 185 -13.34 29.39 -5.75
N LEU A 186 -13.74 28.53 -4.81
CA LEU A 186 -14.80 28.87 -3.88
C LEU A 186 -14.32 28.68 -2.45
N LEU A 187 -14.87 29.49 -1.53
CA LEU A 187 -14.55 29.35 -0.09
C LEU A 187 -15.88 29.22 0.66
N SER A 188 -16.01 28.28 1.59
CA SER A 188 -17.33 28.07 2.24
C SER A 188 -17.25 28.26 3.76
N ALA A 189 -18.37 28.60 4.40
CA ALA A 189 -18.42 28.79 5.87
C ALA A 189 -19.83 28.51 6.37
N PRO A 190 -20.01 27.73 7.46
CA PRO A 190 -21.35 27.37 7.91
C PRO A 190 -22.18 28.50 8.49
N LEU A 191 -23.49 28.51 8.21
CA LEU A 191 -24.37 29.50 8.79
C LEU A 191 -24.50 29.27 10.29
N PRO A 192 -24.86 30.29 11.06
CA PRO A 192 -24.93 30.15 12.52
C PRO A 192 -26.02 29.23 13.04
N ASP A 193 -26.82 28.62 12.18
CA ASP A 193 -27.84 27.68 12.62
C ASP A 193 -27.50 26.23 12.30
N PHE A 194 -26.25 25.95 11.93
CA PHE A 194 -25.82 24.60 11.58
C PHE A 194 -25.64 23.80 12.86
N LYS A 195 -26.12 22.55 12.86
CA LYS A 195 -25.98 21.68 14.02
C LYS A 195 -26.08 20.22 13.61
N PHE A 196 -25.43 19.36 14.40
CA PHE A 196 -25.41 17.93 14.21
C PHE A 196 -26.29 17.25 15.26
N THR A 197 -26.59 15.97 15.03
CA THR A 197 -27.35 15.16 15.96
C THR A 197 -26.72 13.78 16.08
N MET A 198 -26.98 13.12 17.23
CA MET A 198 -26.66 11.72 17.43
C MET A 198 -25.18 11.40 17.25
N LEU A 199 -24.33 11.90 18.14
CA LEU A 199 -22.88 11.69 18.03
C LEU A 199 -22.47 10.24 18.20
N VAL A 200 -23.44 9.35 18.44
CA VAL A 200 -23.16 7.97 18.84
C VAL A 200 -22.23 7.25 17.87
N PRO A 201 -22.41 7.33 16.55
CA PRO A 201 -21.49 6.63 15.63
C PRO A 201 -20.06 7.09 15.83
N PRO A 202 -19.16 6.19 16.22
CA PRO A 202 -17.80 6.63 16.57
C PRO A 202 -16.98 7.22 15.43
N VAL A 203 -16.74 6.43 14.39
CA VAL A 203 -15.87 6.83 13.30
C VAL A 203 -16.27 6.11 12.01
N GLN A 204 -15.52 6.36 10.94
CA GLN A 204 -15.47 5.53 9.72
C GLN A 204 -16.86 5.29 9.13
N ASN A 205 -17.43 6.38 8.62
CA ASN A 205 -18.73 6.30 7.97
C ASN A 205 -18.71 6.64 6.48
N ASN A 206 -17.89 7.60 6.05
CA ASN A 206 -17.91 8.03 4.66
C ASN A 206 -16.48 8.34 4.20
N ALA A 207 -16.37 9.02 3.07
CA ALA A 207 -15.08 9.26 2.42
C ALA A 207 -14.28 10.33 3.16
N LEU A 208 -13.13 10.67 2.60
CA LEU A 208 -12.20 11.64 3.18
C LEU A 208 -11.84 12.70 2.16
N PRO A 209 -11.52 13.91 2.61
CA PRO A 209 -11.16 14.99 1.69
C PRO A 209 -9.67 15.16 1.44
N ILE A 210 -8.80 14.35 2.05
CA ILE A 210 -7.36 14.49 1.90
C ILE A 210 -6.76 13.13 1.58
N TRP A 211 -5.62 13.14 0.89
CA TRP A 211 -4.95 11.93 0.43
C TRP A 211 -3.48 12.03 0.83
N GLN A 212 -2.99 11.00 1.54
CA GLN A 212 -1.60 10.94 1.96
C GLN A 212 -0.84 10.01 1.02
N ILE A 213 -0.03 10.58 0.14
CA ILE A 213 0.78 9.81 -0.80
C ILE A 213 2.14 9.57 -0.18
N PRO A 214 2.54 8.32 0.06
CA PRO A 214 3.85 8.08 0.66
C PRO A 214 4.96 8.52 -0.27
N PRO A 215 6.09 8.99 0.28
CA PRO A 215 7.18 9.53 -0.55
C PRO A 215 8.12 8.45 -1.07
N THR A 216 7.62 7.61 -1.98
CA THR A 216 8.43 6.59 -2.61
C THR A 216 8.67 6.96 -4.06
N PRO A 217 9.92 7.15 -4.50
CA PRO A 217 10.15 7.55 -5.88
C PRO A 217 9.75 6.46 -6.84
N PRO A 218 9.38 6.80 -8.07
CA PRO A 218 8.96 5.76 -9.03
C PRO A 218 10.08 4.79 -9.37
N GLY A 219 11.33 5.17 -9.16
CA GLY A 219 12.43 4.23 -9.37
C GLY A 219 12.39 3.04 -8.43
N ALA A 220 11.61 3.13 -7.35
CA ALA A 220 11.42 2.03 -6.42
C ALA A 220 10.00 1.47 -6.50
N MET A 221 9.47 1.37 -7.71
CA MET A 221 8.13 0.83 -7.94
C MET A 221 8.20 -0.29 -8.97
N VAL A 222 7.28 -1.23 -8.85
CA VAL A 222 7.20 -2.37 -9.75
C VAL A 222 6.53 -1.95 -11.05
N ASN A 223 7.07 -2.39 -12.18
CA ASN A 223 6.46 -2.13 -13.47
C ASN A 223 5.51 -3.26 -13.79
N PRO A 224 4.19 -3.02 -13.86
CA PRO A 224 3.24 -4.14 -14.00
C PRO A 224 3.41 -4.92 -15.29
N ARG A 225 3.81 -4.27 -16.39
CA ARG A 225 3.93 -4.97 -17.66
C ARG A 225 5.25 -5.71 -17.81
N SER A 226 6.21 -5.49 -16.93
CA SER A 226 7.51 -6.12 -17.07
C SER A 226 8.27 -6.14 -15.75
N PRO A 227 7.98 -7.07 -14.85
CA PRO A 227 8.75 -7.16 -13.60
C PRO A 227 10.19 -7.57 -13.86
N LEU A 228 10.99 -7.68 -12.80
CA LEU A 228 12.41 -7.97 -12.81
C LEU A 228 13.25 -6.86 -13.40
N THR A 229 12.64 -5.77 -13.89
CA THR A 229 13.37 -4.64 -14.44
C THR A 229 12.86 -3.36 -13.80
N PRO A 230 13.71 -2.64 -13.07
CA PRO A 230 13.26 -1.41 -12.41
C PRO A 230 12.93 -0.31 -13.40
N VAL A 231 12.05 0.60 -12.97
CA VAL A 231 11.74 1.78 -13.76
C VAL A 231 13.00 2.64 -13.89
N VAL A 232 13.19 3.24 -15.06
CA VAL A 232 14.41 3.99 -15.33
C VAL A 232 14.10 5.47 -15.51
N ASP A 233 12.90 5.78 -16.01
CA ASP A 233 12.53 7.16 -16.30
C ASP A 233 11.03 7.26 -16.49
N LEU A 234 10.51 8.48 -16.48
CA LEU A 234 9.13 8.77 -16.85
C LEU A 234 9.13 9.27 -18.29
N TYR A 235 8.31 8.65 -19.13
CA TYR A 235 8.37 8.81 -20.56
C TYR A 235 7.09 9.45 -21.07
N ILE A 236 7.24 10.51 -21.86
CA ILE A 236 6.10 11.16 -22.51
C ILE A 236 6.45 11.31 -23.99
N ASN A 237 5.63 10.72 -24.85
CA ASN A 237 5.85 10.71 -26.29
C ASN A 237 4.65 11.32 -27.00
N SER A 238 4.92 12.11 -28.03
CA SER A 238 3.88 12.87 -28.71
C SER A 238 3.14 12.08 -29.77
N SER A 239 3.51 10.82 -30.01
CA SER A 239 2.87 10.04 -31.05
C SER A 239 1.97 8.94 -30.52
N TRP A 240 2.12 8.54 -29.26
CA TRP A 240 1.28 7.52 -28.65
C TRP A 240 0.07 8.21 -28.03
N THR A 241 -1.03 8.25 -28.77
CA THR A 241 -2.22 8.96 -28.34
C THR A 241 -3.34 8.02 -27.89
N THR A 242 -3.01 6.77 -27.60
CA THR A 242 -4.02 5.82 -27.14
C THR A 242 -3.33 4.69 -26.40
N CYS A 243 -4.10 3.97 -25.59
CA CYS A 243 -3.59 2.83 -24.83
C CYS A 243 -4.51 1.65 -25.07
N ASN A 244 -3.93 0.50 -25.39
CA ASN A 244 -4.67 -0.72 -25.67
C ASN A 244 -4.22 -1.88 -24.79
N HIS A 245 -3.60 -1.58 -23.65
CA HIS A 245 -3.01 -2.61 -22.81
C HIS A 245 -4.09 -3.42 -22.10
N GLN A 246 -3.66 -4.55 -21.56
CA GLN A 246 -4.49 -5.35 -20.67
C GLN A 246 -3.86 -5.58 -19.31
N LEU A 247 -2.61 -5.15 -19.11
CA LEU A 247 -1.92 -5.28 -17.85
C LEU A 247 -1.60 -3.90 -17.30
N GLY A 248 -1.61 -3.78 -15.97
CA GLY A 248 -1.32 -2.51 -15.34
C GLY A 248 -2.46 -1.53 -15.32
N ARG A 249 -3.64 -1.92 -15.78
CA ARG A 249 -4.79 -1.03 -15.83
C ARG A 249 -5.63 -1.21 -14.58
N TYR A 250 -5.77 -0.14 -13.80
CA TYR A 250 -6.55 -0.15 -12.57
C TYR A 250 -7.52 1.02 -12.57
N THR A 251 -8.57 0.89 -11.77
CA THR A 251 -9.51 1.98 -11.57
C THR A 251 -9.79 2.14 -10.08
N ILE A 252 -10.20 3.34 -9.70
CA ILE A 252 -10.44 3.63 -8.28
C ILE A 252 -11.58 2.80 -7.74
N ASP A 253 -12.67 2.70 -8.50
CA ASP A 253 -13.85 1.97 -8.03
C ASP A 253 -13.77 0.49 -8.40
N GLY A 254 -13.22 0.17 -9.56
CA GLY A 254 -13.21 -1.18 -10.05
C GLY A 254 -12.05 -2.05 -9.66
N GLY A 255 -11.13 -1.55 -8.84
CA GLY A 255 -9.97 -2.35 -8.47
C GLY A 255 -9.09 -2.65 -9.67
N ALA A 256 -8.74 -3.92 -9.84
CA ALA A 256 -7.92 -4.36 -10.95
C ALA A 256 -8.85 -4.76 -12.10
N ILE A 257 -8.81 -4.00 -13.18
CA ILE A 257 -9.65 -4.23 -14.34
C ILE A 257 -8.86 -5.00 -15.38
N GLY A 258 -9.57 -5.68 -16.27
CA GLY A 258 -8.93 -6.46 -17.30
C GLY A 258 -8.29 -7.73 -16.78
N ASN A 259 -7.10 -8.06 -17.30
CA ASN A 259 -6.35 -9.24 -16.87
C ASN A 259 -5.21 -8.89 -15.94
N SER A 260 -5.20 -7.69 -15.39
CA SER A 260 -4.13 -7.26 -14.50
C SER A 260 -4.39 -7.77 -13.09
N THR A 261 -3.41 -7.55 -12.21
CA THR A 261 -3.52 -7.97 -10.82
C THR A 261 -2.62 -7.09 -9.96
N PHE A 262 -2.85 -7.12 -8.66
CA PHE A 262 -2.05 -6.34 -7.73
C PHE A 262 -0.74 -7.02 -7.34
N ASN A 263 -0.50 -8.24 -7.82
CA ASN A 263 0.74 -8.96 -7.57
C ASN A 263 1.28 -9.48 -8.89
N PRO A 264 1.83 -8.59 -9.73
CA PRO A 264 2.34 -9.03 -11.03
C PRO A 264 3.45 -10.06 -10.95
N SER A 265 4.30 -9.99 -9.92
CA SER A 265 5.43 -10.89 -9.84
C SER A 265 4.99 -12.32 -9.61
N GLY A 266 3.89 -12.52 -8.88
CA GLY A 266 3.46 -13.87 -8.54
C GLY A 266 2.78 -14.59 -9.70
N LEU A 267 2.34 -13.84 -10.72
CA LEU A 267 1.63 -14.42 -11.84
C LEU A 267 2.39 -14.29 -13.15
N TRP A 268 3.68 -13.95 -13.09
CA TRP A 268 4.45 -13.75 -14.31
C TRP A 268 4.80 -15.05 -15.00
N THR A 269 5.02 -16.13 -14.23
CA THR A 269 5.35 -17.43 -14.79
C THR A 269 4.08 -18.10 -15.31
N GLY A 270 4.20 -18.77 -16.47
CA GLY A 270 3.07 -19.44 -17.07
C GLY A 270 3.41 -20.88 -17.43
N THR A 271 2.37 -21.62 -17.81
CA THR A 271 2.52 -23.01 -18.19
C THR A 271 1.62 -23.30 -19.38
N PHE A 272 1.92 -24.39 -20.09
CA PHE A 272 1.12 -24.81 -21.23
C PHE A 272 1.34 -26.29 -21.50
N THR A 273 0.65 -26.80 -22.52
CA THR A 273 0.78 -28.19 -22.93
C THR A 273 0.89 -28.26 -24.45
N ALA A 274 1.75 -29.15 -24.93
CA ALA A 274 1.92 -29.34 -26.36
C ALA A 274 0.74 -30.10 -26.95
N GLU A 275 0.54 -29.91 -28.27
CA GLU A 275 -0.58 -30.53 -28.96
C GLU A 275 -0.13 -31.47 -30.08
N SER A 276 1.18 -31.68 -30.24
CA SER A 276 1.74 -32.60 -31.23
C SER A 276 1.25 -32.25 -32.64
N GLY A 277 1.65 -31.06 -33.08
CA GLY A 277 1.28 -30.59 -34.39
C GLY A 277 2.20 -29.47 -34.83
N SER A 278 2.00 -29.03 -36.07
CA SER A 278 2.81 -27.96 -36.63
C SER A 278 1.94 -27.15 -37.59
N VAL A 279 2.15 -25.83 -37.58
CA VAL A 279 1.44 -24.95 -38.49
C VAL A 279 1.93 -25.20 -39.92
N SER A 280 1.04 -24.99 -40.89
CA SER A 280 1.40 -25.19 -42.28
C SER A 280 2.49 -24.22 -42.70
N GLY A 281 3.35 -24.66 -43.61
CA GLY A 281 4.44 -23.83 -44.08
C GLY A 281 5.74 -24.03 -43.33
N GLN A 282 5.74 -23.71 -42.04
CA GLN A 282 6.93 -23.84 -41.20
C GLN A 282 6.79 -25.06 -40.30
N THR A 283 7.75 -25.98 -40.40
CA THR A 283 7.69 -27.21 -39.62
C THR A 283 8.07 -26.99 -38.17
N ASN A 284 9.06 -26.14 -37.92
CA ASN A 284 9.59 -25.97 -36.54
C ASN A 284 8.60 -25.23 -35.62
N TRP A 285 7.39 -24.95 -36.10
CA TRP A 285 6.45 -24.16 -35.25
C TRP A 285 5.44 -25.10 -34.57
N ARG A 286 5.80 -25.59 -33.39
CA ARG A 286 4.91 -26.53 -32.65
C ARG A 286 3.68 -25.78 -32.13
N ILE A 287 2.48 -26.27 -32.47
CA ILE A 287 1.24 -25.64 -31.92
C ILE A 287 1.09 -26.10 -30.45
N ALA A 288 0.63 -25.21 -29.58
CA ALA A 288 0.49 -25.54 -28.14
C ALA A 288 -0.69 -24.79 -27.55
N MET A 289 -1.12 -25.18 -26.34
CA MET A 289 -2.26 -24.50 -25.71
C MET A 289 -1.93 -24.19 -24.27
N LEU A 290 -2.22 -22.95 -23.87
CA LEU A 290 -2.04 -22.53 -22.48
C LEU A 290 -3.19 -23.04 -21.62
N ASP A 291 -2.85 -23.47 -20.40
CA ASP A 291 -3.85 -23.90 -19.45
C ASP A 291 -4.20 -22.76 -18.50
N ASN A 292 -5.49 -22.53 -18.30
CA ASN A 292 -5.99 -21.42 -17.50
C ASN A 292 -6.76 -21.98 -16.31
N PRO A 293 -6.09 -22.17 -15.17
CA PRO A 293 -6.80 -22.73 -14.01
C PRO A 293 -7.95 -21.88 -13.53
N TYR A 294 -7.85 -20.55 -13.65
CA TYR A 294 -8.93 -19.67 -13.24
C TYR A 294 -10.17 -19.84 -14.08
N ASN A 295 -10.04 -20.38 -15.29
CA ASN A 295 -11.18 -20.66 -16.17
C ASN A 295 -11.02 -22.09 -16.67
N PRO A 296 -11.35 -23.09 -15.85
CA PRO A 296 -11.20 -24.49 -16.26
C PRO A 296 -11.96 -24.82 -17.53
N THR A 297 -13.25 -24.51 -17.54
CA THR A 297 -14.05 -24.65 -18.75
C THR A 297 -13.84 -23.45 -19.66
N SER A 298 -14.29 -23.57 -20.90
CA SER A 298 -14.20 -22.48 -21.87
C SER A 298 -15.44 -21.61 -21.82
N ASP A 299 -15.68 -21.04 -20.65
CA ASP A 299 -16.85 -20.20 -20.44
C ASP A 299 -16.65 -18.86 -21.14
N PRO A 300 -17.55 -18.45 -22.04
CA PRO A 300 -17.31 -17.22 -22.80
C PRO A 300 -17.24 -15.96 -21.97
N THR A 301 -17.80 -15.96 -20.76
CA THR A 301 -17.85 -14.77 -19.93
C THR A 301 -16.67 -14.67 -18.96
N LEU A 302 -15.62 -15.44 -19.18
CA LEU A 302 -14.42 -15.38 -18.36
C LEU A 302 -13.18 -15.19 -19.23
N PRO A 303 -12.15 -14.53 -18.73
CA PRO A 303 -10.96 -14.27 -19.55
C PRO A 303 -10.31 -15.55 -20.01
N PRO A 304 -9.87 -15.61 -21.28
CA PRO A 304 -9.26 -16.84 -21.78
C PRO A 304 -7.92 -17.17 -21.15
N VAL A 305 -6.99 -16.23 -21.21
CA VAL A 305 -5.62 -16.47 -20.74
C VAL A 305 -5.59 -16.36 -19.23
N PRO A 306 -4.59 -16.94 -18.55
CA PRO A 306 -4.49 -16.74 -17.10
C PRO A 306 -4.18 -15.30 -16.76
N ARG A 307 -4.62 -14.88 -15.57
CA ARG A 307 -4.42 -13.51 -15.14
C ARG A 307 -2.93 -13.19 -15.01
N GLY A 308 -2.55 -11.99 -15.44
CA GLY A 308 -1.20 -11.50 -15.27
C GLY A 308 -0.19 -11.97 -16.29
N PHE A 309 -0.61 -12.74 -17.29
CA PHE A 309 0.33 -13.22 -18.29
C PHE A 309 0.65 -12.10 -19.29
N CYS A 310 1.77 -12.28 -19.99
CA CYS A 310 2.28 -11.24 -20.88
C CYS A 310 1.33 -10.95 -22.03
N ASP A 311 1.38 -9.72 -22.52
CA ASP A 311 0.53 -9.32 -23.64
C ASP A 311 1.25 -8.41 -24.64
N TRP A 312 2.57 -8.49 -24.73
CA TRP A 312 3.30 -7.61 -25.63
C TRP A 312 2.93 -7.89 -27.08
N GLY A 313 2.86 -6.83 -27.88
CA GLY A 313 2.55 -6.99 -29.28
C GLY A 313 3.75 -7.41 -30.10
N SER A 314 3.47 -7.95 -31.28
CA SER A 314 4.52 -8.43 -32.18
C SER A 314 4.37 -7.98 -33.63
N GLY A 315 3.17 -7.62 -34.07
CA GLY A 315 2.93 -7.21 -35.44
C GLY A 315 1.70 -7.92 -35.98
N VAL A 316 1.10 -7.31 -37.01
CA VAL A 316 -0.13 -7.82 -37.59
C VAL A 316 0.13 -9.19 -38.20
N LYS A 317 1.17 -9.29 -39.03
CA LYS A 317 1.55 -10.56 -39.64
C LYS A 317 3.01 -10.45 -40.05
N SER A 318 3.88 -11.18 -39.35
CA SER A 318 5.32 -11.09 -39.61
C SER A 318 5.99 -12.34 -39.08
N GLY A 319 6.76 -13.02 -39.93
CA GLY A 319 7.51 -14.21 -39.52
C GLY A 319 8.98 -13.88 -39.30
N ALA A 320 9.26 -12.62 -39.03
CA ALA A 320 10.60 -12.15 -38.70
C ALA A 320 10.66 -11.40 -37.38
N ARG A 321 9.59 -10.69 -37.02
CA ARG A 321 9.53 -9.98 -35.75
C ARG A 321 8.71 -10.81 -34.75
N GLN A 322 9.38 -11.85 -34.23
CA GLN A 322 8.78 -12.73 -33.24
C GLN A 322 9.56 -12.58 -31.93
N HIS A 323 8.83 -12.30 -30.85
CA HIS A 323 9.46 -12.15 -29.54
C HIS A 323 9.64 -13.50 -28.87
N LEU A 324 10.75 -13.64 -28.15
CA LEU A 324 11.11 -14.92 -27.56
C LEU A 324 10.41 -15.15 -26.23
N VAL A 325 10.21 -16.42 -25.91
CA VAL A 325 9.69 -16.80 -24.59
C VAL A 325 10.80 -16.89 -23.55
N CYS A 326 12.06 -16.84 -23.99
CA CYS A 326 13.22 -16.96 -23.10
C CYS A 326 13.10 -18.29 -22.38
N PHE A 327 12.96 -18.31 -21.06
CA PHE A 327 13.10 -19.56 -20.31
C PHE A 327 11.89 -20.45 -20.51
N THR A 328 12.14 -21.71 -20.88
CA THR A 328 11.11 -22.73 -20.97
C THR A 328 11.68 -24.06 -20.53
N GLY A 329 10.81 -24.94 -20.05
CA GLY A 329 11.26 -26.21 -19.51
C GLY A 329 10.15 -27.24 -19.44
N VAL A 330 10.57 -28.49 -19.26
CA VAL A 330 9.66 -29.62 -19.14
C VAL A 330 9.78 -30.22 -17.74
N GLU A 331 8.70 -30.88 -17.30
CA GLU A 331 8.71 -31.51 -15.99
C GLU A 331 9.52 -32.80 -16.02
N THR A 332 9.83 -33.31 -14.82
CA THR A 332 10.72 -34.45 -14.66
C THR A 332 10.00 -35.78 -14.78
N ASP A 333 8.83 -35.82 -15.43
CA ASP A 333 7.99 -37.00 -15.57
C ASP A 333 7.46 -37.52 -14.25
N ASN A 334 7.65 -36.77 -13.16
CA ASN A 334 7.17 -37.18 -11.85
C ASN A 334 6.35 -36.11 -11.14
N GLY A 335 6.25 -34.89 -11.68
CA GLY A 335 5.55 -33.83 -11.01
C GLY A 335 6.30 -33.21 -9.86
N GLU A 336 7.63 -33.35 -9.82
CA GLU A 336 8.44 -32.89 -8.70
C GLU A 336 9.40 -31.77 -9.09
N GLY A 337 9.28 -31.22 -10.28
CA GLY A 337 10.16 -30.13 -10.70
C GLY A 337 10.11 -29.94 -12.21
N TYR A 338 11.16 -29.33 -12.74
CA TYR A 338 11.28 -29.09 -14.17
C TYR A 338 12.72 -29.31 -14.61
N LYS A 339 12.89 -29.55 -15.91
CA LYS A 339 14.19 -29.88 -16.48
C LYS A 339 14.42 -29.10 -17.77
N ASP A 340 15.69 -29.00 -18.15
CA ASP A 340 16.15 -28.40 -19.41
C ASP A 340 15.43 -27.10 -19.73
N VAL A 341 15.63 -26.12 -18.86
CA VAL A 341 15.07 -24.79 -19.05
C VAL A 341 16.05 -23.96 -19.86
N ASP A 342 15.67 -23.61 -21.08
CA ASP A 342 16.53 -22.91 -22.01
C ASP A 342 15.74 -21.82 -22.72
N ALA A 343 16.45 -21.02 -23.52
CA ALA A 343 15.85 -19.89 -24.21
C ALA A 343 15.23 -20.33 -25.53
N HIS A 344 13.96 -19.97 -25.73
CA HIS A 344 13.24 -20.31 -26.95
C HIS A 344 12.32 -19.14 -27.31
N MET A 345 11.63 -19.28 -28.44
CA MET A 345 10.79 -18.22 -28.97
C MET A 345 9.35 -18.70 -29.12
N TRP A 346 8.41 -17.76 -28.98
CA TRP A 346 6.98 -18.07 -29.01
C TRP A 346 6.22 -16.95 -29.69
N ASP A 347 4.94 -17.20 -29.94
CA ASP A 347 4.04 -16.15 -30.42
C ASP A 347 2.62 -16.67 -30.32
N TYR A 348 1.67 -15.76 -30.50
CA TYR A 348 0.25 -16.09 -30.44
C TYR A 348 -0.25 -16.61 -31.78
N GLY A 349 -1.21 -17.53 -31.71
CA GLY A 349 -1.94 -17.93 -32.90
C GLY A 349 -1.10 -18.74 -33.88
N ASP A 350 -1.30 -18.46 -35.17
CA ASP A 350 -0.68 -19.24 -36.23
C ASP A 350 -0.11 -18.41 -37.37
N ASP A 351 -0.20 -17.07 -37.29
CA ASP A 351 0.33 -16.15 -38.31
C ASP A 351 -0.40 -16.27 -39.64
N ALA A 352 -1.48 -17.06 -39.71
CA ALA A 352 -2.18 -17.22 -40.97
C ALA A 352 -3.62 -16.72 -40.88
N THR A 353 -4.37 -17.21 -39.90
CA THR A 353 -5.80 -16.94 -39.81
C THR A 353 -6.05 -15.53 -39.30
N ILE A 354 -7.09 -14.89 -39.85
CA ILE A 354 -7.46 -13.55 -39.41
C ILE A 354 -8.02 -13.58 -37.99
N GLY A 355 -8.57 -14.71 -37.56
CA GLY A 355 -9.14 -14.81 -36.23
C GLY A 355 -8.18 -15.23 -35.13
N LEU A 356 -6.92 -15.50 -35.47
CA LEU A 356 -5.96 -15.94 -34.46
C LEU A 356 -4.57 -15.33 -34.60
N ASP A 357 -4.31 -14.53 -35.64
CA ASP A 357 -2.95 -14.00 -35.84
C ASP A 357 -2.53 -13.12 -34.67
N ASN A 358 -3.43 -12.23 -34.23
CA ASN A 358 -3.24 -11.46 -32.99
C ASN A 358 -4.63 -11.32 -32.37
N THR A 359 -4.98 -12.26 -31.50
CA THR A 359 -6.27 -12.21 -30.83
C THR A 359 -6.20 -12.56 -29.34
N TYR A 360 -5.02 -12.79 -28.78
CA TYR A 360 -4.83 -12.90 -27.33
C TYR A 360 -5.71 -14.00 -26.75
N GLN A 361 -5.44 -15.23 -27.19
CA GLN A 361 -6.23 -16.38 -26.75
C GLN A 361 -5.34 -17.51 -26.25
N ARG A 362 -5.93 -18.67 -25.99
CA ARG A 362 -5.20 -19.77 -25.37
C ARG A 362 -4.11 -20.34 -26.27
N GLN A 363 -4.42 -20.55 -27.55
CA GLN A 363 -3.49 -21.23 -28.45
C GLN A 363 -2.30 -20.34 -28.77
N ILE A 364 -1.11 -20.93 -28.74
CA ILE A 364 0.13 -20.27 -29.11
C ILE A 364 0.94 -21.22 -29.99
N TYR A 365 2.03 -20.71 -30.56
CA TYR A 365 2.98 -21.55 -31.25
C TYR A 365 4.39 -21.20 -30.78
N ILE A 366 5.19 -22.24 -30.55
CA ILE A 366 6.55 -22.10 -30.05
C ILE A 366 7.52 -22.68 -31.07
N SER A 367 8.61 -21.97 -31.33
CA SER A 367 9.56 -22.37 -32.37
C SER A 367 10.64 -23.26 -31.77
N ASP A 368 10.77 -24.46 -32.32
CA ASP A 368 11.79 -25.42 -31.93
C ASP A 368 11.90 -26.51 -32.99
N PRO A 369 13.11 -26.85 -33.43
CA PRO A 369 13.22 -27.86 -34.51
C PRO A 369 12.64 -29.22 -34.14
N THR A 370 12.80 -29.65 -32.90
CA THR A 370 12.32 -30.97 -32.50
C THR A 370 10.85 -30.90 -32.10
N ALA A 371 10.11 -31.93 -32.46
CA ALA A 371 8.70 -32.00 -32.09
C ALA A 371 8.55 -32.24 -30.60
N LEU A 372 7.38 -31.91 -30.08
CA LEU A 372 7.09 -32.00 -28.66
C LEU A 372 6.07 -33.11 -28.39
N ASP A 373 6.27 -33.80 -27.27
CA ASP A 373 5.39 -34.89 -26.88
C ASP A 373 4.05 -34.36 -26.40
N SER A 374 2.97 -34.92 -26.92
CA SER A 374 1.63 -34.42 -26.61
C SER A 374 1.27 -34.70 -25.15
N GLY A 375 0.44 -33.82 -24.59
CA GLY A 375 -0.04 -34.01 -23.23
C GLY A 375 1.02 -33.82 -22.17
N LYS A 376 2.11 -33.13 -22.50
CA LYS A 376 3.22 -32.91 -21.58
C LYS A 376 3.25 -31.45 -21.15
N ARG A 377 3.41 -31.24 -19.85
CA ARG A 377 3.38 -29.89 -19.28
C ARG A 377 4.72 -29.20 -19.48
N TYR A 378 4.65 -27.92 -19.83
CA TYR A 378 5.83 -27.08 -20.01
C TYR A 378 5.63 -25.78 -19.25
N ILE A 379 6.74 -25.20 -18.82
CA ILE A 379 6.75 -23.94 -18.09
C ILE A 379 7.49 -22.90 -18.91
N ILE A 380 6.92 -21.70 -19.00
CA ILE A 380 7.49 -20.58 -19.75
C ILE A 380 7.52 -19.33 -18.88
N ILE A 381 8.60 -18.57 -19.01
CA ILE A 381 8.76 -17.29 -18.32
C ILE A 381 9.13 -16.24 -19.36
N PRO A 382 8.15 -15.60 -20.01
CA PRO A 382 8.45 -14.72 -21.15
C PRO A 382 9.23 -13.48 -20.73
N MET A 383 10.34 -13.23 -21.44
CA MET A 383 11.10 -12.00 -21.26
C MET A 383 12.00 -11.80 -22.47
N GLY A 384 11.72 -10.78 -23.26
CA GLY A 384 12.55 -10.42 -24.39
C GLY A 384 11.84 -10.49 -25.73
N ALA A 385 12.41 -9.83 -26.72
CA ALA A 385 11.88 -9.84 -28.08
C ALA A 385 13.02 -9.98 -29.08
N SER A 386 12.80 -10.78 -30.12
CA SER A 386 13.81 -11.03 -31.15
C SER A 386 13.28 -10.58 -32.50
N GLY A 387 14.22 -10.37 -33.43
CA GLY A 387 13.87 -9.94 -34.77
C GLY A 387 14.04 -8.45 -34.97
N SER A 388 13.15 -7.86 -35.75
CA SER A 388 13.16 -6.42 -36.00
C SER A 388 12.12 -5.68 -35.19
N ALA A 389 11.70 -6.25 -34.06
CA ALA A 389 10.68 -5.64 -33.22
C ALA A 389 11.26 -4.45 -32.47
N THR A 390 10.49 -3.36 -32.44
CA THR A 390 10.88 -2.13 -31.75
C THR A 390 9.86 -1.82 -30.66
N ASP A 391 10.12 -0.71 -29.96
CA ASP A 391 9.22 -0.29 -28.90
C ASP A 391 7.83 0.05 -29.45
N ASP A 392 7.75 0.54 -30.68
CA ASP A 392 6.46 0.87 -31.26
C ASP A 392 5.59 -0.37 -31.43
N THR A 393 6.19 -1.48 -31.85
CA THR A 393 5.42 -2.72 -31.98
C THR A 393 5.03 -3.28 -30.63
N LEU A 394 5.90 -3.11 -29.62
CA LEU A 394 5.60 -3.62 -28.29
C LEU A 394 4.50 -2.81 -27.61
N GLN A 395 4.39 -1.52 -27.93
CA GLN A 395 3.38 -0.69 -27.30
C GLN A 395 1.98 -1.18 -27.64
N ILE A 396 1.74 -1.54 -28.90
CA ILE A 396 0.43 -2.07 -29.27
C ILE A 396 0.26 -3.48 -28.68
N SER A 397 -0.98 -3.88 -28.53
CA SER A 397 -1.34 -5.14 -27.91
C SER A 397 -2.24 -5.94 -28.83
N PRO A 398 -2.21 -7.27 -28.73
CA PRO A 398 -3.12 -8.08 -29.54
C PRO A 398 -4.58 -7.79 -29.22
N ASN A 399 -5.40 -7.80 -30.26
CA ASN A 399 -6.81 -7.47 -30.10
C ASN A 399 -7.51 -8.51 -29.22
N CYS A 400 -8.55 -8.07 -28.53
CA CYS A 400 -9.34 -8.93 -27.66
C CYS A 400 -10.73 -9.12 -28.25
N TYR A 401 -11.12 -10.39 -28.41
CA TYR A 401 -12.42 -10.73 -28.94
C TYR A 401 -13.17 -11.63 -27.95
N GLY A 402 -14.49 -11.62 -28.05
CA GLY A 402 -15.34 -12.43 -27.23
C GLY A 402 -16.33 -11.59 -26.47
N SER A 403 -16.85 -12.15 -25.38
CA SER A 403 -17.80 -11.46 -24.53
C SER A 403 -17.30 -11.22 -23.11
N TRP A 404 -16.12 -11.70 -22.76
CA TRP A 404 -15.57 -11.44 -21.44
C TRP A 404 -15.21 -9.98 -21.28
N ASP A 405 -15.33 -9.49 -20.05
CA ASP A 405 -15.08 -8.08 -19.76
C ASP A 405 -13.60 -7.77 -19.91
N TYR A 406 -13.25 -6.96 -20.90
CA TYR A 406 -11.89 -6.52 -21.10
C TYR A 406 -11.78 -5.02 -20.90
N ALA A 407 -10.56 -4.56 -20.65
CA ALA A 407 -10.33 -3.15 -20.40
C ALA A 407 -10.52 -2.36 -21.70
N PRO A 408 -11.26 -1.25 -21.67
CA PRO A 408 -11.53 -0.52 -22.91
C PRO A 408 -10.33 0.26 -23.41
N THR A 409 -10.52 1.03 -24.48
CA THR A 409 -9.48 1.87 -25.03
C THR A 409 -9.51 3.24 -24.34
N ILE A 410 -8.34 3.87 -24.25
CA ILE A 410 -8.18 5.12 -23.51
C ILE A 410 -7.52 6.14 -24.41
N ALA A 411 -8.11 7.34 -24.47
CA ALA A 411 -7.54 8.46 -25.20
C ALA A 411 -7.62 9.71 -24.36
N PRO A 412 -6.49 10.39 -24.13
CA PRO A 412 -6.51 11.57 -23.26
C PRO A 412 -7.26 12.70 -23.92
N PRO A 413 -7.83 13.62 -23.14
CA PRO A 413 -8.50 14.78 -23.72
C PRO A 413 -7.53 15.63 -24.53
N LEU A 414 -8.06 16.27 -25.57
CA LEU A 414 -7.23 17.01 -26.51
C LEU A 414 -6.41 18.09 -25.81
N GLY A 415 -5.14 18.18 -26.18
CA GLY A 415 -4.23 19.12 -25.58
C GLY A 415 -3.36 18.57 -24.47
N GLU A 416 -3.34 17.25 -24.27
CA GLU A 416 -2.58 16.64 -23.19
C GLU A 416 -1.90 15.37 -23.69
N GLN A 417 -0.89 14.94 -22.96
CA GLN A 417 -0.16 13.72 -23.26
C GLN A 417 -0.34 12.75 -22.09
N ILE A 418 0.40 11.64 -22.12
CA ILE A 418 0.32 10.62 -21.09
C ILE A 418 1.72 10.27 -20.62
N VAL A 419 1.90 10.16 -19.30
CA VAL A 419 3.14 9.71 -18.70
C VAL A 419 3.11 8.19 -18.64
N TRP A 420 4.23 7.53 -19.01
CA TRP A 420 4.18 6.15 -19.46
C TRP A 420 4.92 5.13 -18.60
N PHE A 421 5.63 5.53 -17.54
CA PHE A 421 6.31 4.57 -16.66
C PHE A 421 7.19 3.60 -17.45
N ARG A 422 8.21 4.13 -18.09
CA ARG A 422 9.02 3.35 -19.00
C ARG A 422 10.14 2.62 -18.27
N SER A 423 10.44 1.40 -18.74
CA SER A 423 11.53 0.60 -18.20
C SER A 423 12.31 -0.01 -19.36
N TYR A 424 13.55 -0.39 -19.08
CA TYR A 424 14.50 -0.85 -20.09
C TYR A 424 14.66 -2.36 -20.00
N LEU A 425 14.36 -3.06 -21.10
CA LEU A 425 14.44 -4.51 -21.17
C LEU A 425 15.69 -4.92 -21.93
N PRO A 426 16.69 -5.52 -21.29
CA PRO A 426 17.93 -5.88 -21.95
C PRO A 426 17.72 -7.05 -22.91
N ALA A 427 18.80 -7.41 -23.60
CA ALA A 427 18.77 -8.51 -24.57
C ALA A 427 19.56 -9.70 -24.04
N SER A 428 18.97 -10.90 -24.20
CA SER A 428 19.60 -12.15 -23.77
C SER A 428 19.65 -13.08 -24.98
N SER A 429 20.79 -13.11 -25.65
CA SER A 429 20.98 -13.87 -26.86
C SER A 429 21.78 -15.15 -26.56
N THR A 430 22.08 -15.92 -27.60
CA THR A 430 22.90 -17.12 -27.45
C THR A 430 23.57 -17.40 -28.79
N SER A 431 24.67 -18.14 -28.74
CA SER A 431 25.44 -18.49 -29.94
C SER A 431 25.27 -19.98 -30.19
N ALA A 432 24.47 -20.32 -31.20
CA ALA A 432 24.20 -21.71 -31.53
C ALA A 432 23.83 -21.81 -33.00
N SER A 433 23.42 -23.01 -33.40
CA SER A 433 23.00 -23.22 -34.78
C SER A 433 21.79 -22.37 -35.14
N SER A 434 20.76 -22.40 -34.30
CA SER A 434 19.60 -21.54 -34.52
C SER A 434 19.77 -20.19 -33.84
N GLY A 435 19.93 -20.20 -32.51
CA GLY A 435 20.18 -18.98 -31.77
C GLY A 435 18.97 -18.05 -31.73
N VAL A 436 19.19 -16.90 -31.12
CA VAL A 436 18.17 -15.85 -31.02
C VAL A 436 18.83 -14.50 -31.27
N ASN A 437 18.15 -13.66 -32.04
CA ASN A 437 18.67 -12.35 -32.44
C ASN A 437 18.01 -11.22 -31.66
N SER A 438 17.75 -11.43 -30.37
CA SER A 438 17.04 -10.44 -29.57
C SER A 438 17.85 -9.16 -29.43
N VAL A 439 17.13 -8.05 -29.29
CA VAL A 439 17.74 -6.73 -29.12
C VAL A 439 17.15 -6.09 -27.87
N SER A 440 17.89 -5.12 -27.33
CA SER A 440 17.43 -4.36 -26.19
C SER A 440 16.28 -3.44 -26.59
N ALA A 441 15.29 -3.32 -25.70
CA ALA A 441 14.11 -2.53 -26.02
C ALA A 441 13.63 -1.84 -24.76
N HIS A 442 12.45 -1.21 -24.84
CA HIS A 442 11.85 -0.55 -23.70
C HIS A 442 10.36 -0.90 -23.65
N ILE A 443 9.83 -0.99 -22.44
CA ILE A 443 8.46 -1.39 -22.20
C ILE A 443 7.81 -0.36 -21.27
N SER A 444 6.60 0.06 -21.61
CA SER A 444 5.88 1.08 -20.86
C SER A 444 4.55 0.53 -20.36
N SER A 445 4.15 0.98 -19.17
CA SER A 445 2.90 0.56 -18.55
C SER A 445 2.19 1.79 -18.01
N LEU A 446 0.87 1.68 -17.91
CA LEU A 446 0.05 2.87 -17.67
C LEU A 446 0.17 3.36 -16.23
N MET A 447 0.19 2.46 -15.25
CA MET A 447 0.17 2.89 -13.86
C MET A 447 0.73 1.78 -12.97
N SER A 448 1.73 2.12 -12.16
CA SER A 448 2.29 1.16 -11.22
C SER A 448 1.31 0.93 -10.07
N PRO A 449 1.20 -0.30 -9.57
CA PRO A 449 0.23 -0.58 -8.50
C PRO A 449 0.50 0.19 -7.22
N ASP A 450 1.75 0.48 -6.89
CA ASP A 450 2.06 1.10 -5.61
C ASP A 450 1.45 2.48 -5.49
N LEU A 451 1.50 3.28 -6.56
CA LEU A 451 0.96 4.63 -6.48
C LEU A 451 -0.55 4.61 -6.26
N ILE A 452 -1.28 3.73 -6.96
CA ILE A 452 -2.73 3.70 -6.86
C ILE A 452 -3.21 2.90 -5.65
N ARG A 453 -2.32 2.14 -5.00
CA ARG A 453 -2.73 1.41 -3.81
C ARG A 453 -3.15 2.34 -2.69
N SER A 454 -2.49 3.50 -2.57
CA SER A 454 -2.79 4.42 -1.49
C SER A 454 -4.20 4.98 -1.60
N ALA A 455 -4.66 5.29 -2.81
CA ALA A 455 -5.95 5.93 -2.99
C ALA A 455 -7.09 4.92 -2.94
N TYR A 456 -7.15 4.13 -1.87
CA TYR A 456 -8.27 3.22 -1.67
C TYR A 456 -8.88 3.45 -0.28
N VAL A 457 -8.04 3.90 0.67
CA VAL A 457 -8.56 4.26 1.98
C VAL A 457 -9.38 5.54 1.90
N SER A 458 -8.92 6.51 1.11
CA SER A 458 -9.60 7.77 0.92
C SER A 458 -9.86 7.95 -0.58
N GLY A 459 -10.97 7.41 -1.04
CA GLY A 459 -11.26 7.42 -2.46
C GLY A 459 -11.56 8.80 -2.99
N PHE A 460 -11.60 8.90 -4.32
CA PHE A 460 -11.87 10.17 -4.97
C PHE A 460 -13.32 10.58 -4.73
N PRO A 461 -13.60 11.88 -4.66
CA PRO A 461 -14.98 12.35 -4.65
C PRO A 461 -15.67 12.06 -5.98
N GLU A 462 -16.94 12.42 -6.09
CA GLU A 462 -17.73 12.09 -7.27
C GLU A 462 -17.31 12.99 -8.44
N GLY A 463 -16.91 12.37 -9.55
CA GLY A 463 -16.62 13.07 -10.80
C GLY A 463 -15.55 14.15 -10.60
N LYS A 464 -14.43 13.77 -9.98
CA LYS A 464 -13.34 14.69 -9.73
C LYS A 464 -12.02 14.01 -10.03
N ALA A 465 -11.06 14.79 -10.49
CA ALA A 465 -9.71 14.33 -10.72
C ALA A 465 -8.77 14.95 -9.70
N ALA A 466 -7.58 14.36 -9.56
CA ALA A 466 -6.64 14.80 -8.54
C ALA A 466 -5.43 15.46 -9.18
N LEU A 467 -5.14 16.69 -8.77
CA LEU A 467 -3.98 17.43 -9.26
C LEU A 467 -2.87 17.28 -8.23
N LEU A 468 -1.74 16.70 -8.66
CA LEU A 468 -0.63 16.41 -7.77
C LEU A 468 0.67 16.93 -8.34
N ASP A 469 1.68 17.08 -7.48
CA ASP A 469 2.96 17.66 -7.84
C ASP A 469 4.03 16.59 -7.84
N TYR A 470 4.93 16.66 -8.81
CA TYR A 470 6.12 15.83 -8.87
C TYR A 470 7.32 16.73 -8.60
N VAL A 471 7.98 16.51 -7.46
CA VAL A 471 9.04 17.39 -6.98
C VAL A 471 10.38 16.72 -7.23
N LEU A 472 11.33 17.47 -7.80
CA LEU A 472 12.66 16.96 -8.07
C LEU A 472 13.69 17.71 -7.24
N TYR A 473 14.75 16.99 -6.87
CA TYR A 473 15.86 17.51 -6.05
C TYR A 473 15.28 17.97 -4.72
N GLY A 474 15.49 19.22 -4.32
CA GLY A 474 14.97 19.70 -3.04
C GLY A 474 13.81 20.66 -3.19
N GLY A 475 13.13 20.60 -4.33
CA GLY A 475 12.04 21.51 -4.62
C GLY A 475 12.39 22.64 -5.54
N SER A 476 13.57 22.64 -6.16
CA SER A 476 13.92 23.69 -7.11
C SER A 476 13.15 23.54 -8.41
N VAL A 477 12.70 22.32 -8.73
CA VAL A 477 11.93 22.06 -9.94
C VAL A 477 10.73 21.19 -9.58
N VAL A 478 9.55 21.59 -10.05
CA VAL A 478 8.30 20.89 -9.77
C VAL A 478 7.48 20.84 -11.04
N GLU A 479 6.98 19.65 -11.37
CA GLU A 479 6.01 19.46 -12.43
C GLU A 479 4.64 19.19 -11.80
N GLN A 480 3.58 19.35 -12.60
CA GLN A 480 2.24 19.10 -12.13
C GLN A 480 1.55 18.09 -13.04
N PHE A 481 0.96 17.06 -12.45
CA PHE A 481 0.24 16.03 -13.17
C PHE A 481 -1.20 15.98 -12.69
N LYS A 482 -2.08 15.52 -13.57
CA LYS A 482 -3.49 15.32 -13.25
C LYS A 482 -3.81 13.85 -13.41
N MET A 483 -4.38 13.26 -12.36
CA MET A 483 -4.69 11.83 -12.32
C MET A 483 -6.20 11.67 -12.36
N TYR A 484 -6.67 10.86 -13.29
CA TYR A 484 -8.10 10.59 -13.45
C TYR A 484 -8.49 9.36 -12.64
N ARG A 485 -9.79 9.08 -12.62
CA ARG A 485 -10.28 7.90 -11.92
C ARG A 485 -10.01 6.62 -12.70
N GLU A 486 -9.61 6.72 -13.96
CA GLU A 486 -9.29 5.56 -14.78
C GLU A 486 -7.84 5.13 -14.61
N GLY A 487 -7.04 5.87 -13.87
CA GLY A 487 -5.72 5.44 -13.51
C GLY A 487 -4.57 5.87 -14.39
N TYR A 488 -4.75 6.89 -15.22
CA TYR A 488 -3.68 7.34 -16.11
C TYR A 488 -3.39 8.82 -15.89
N LEU A 489 -2.11 9.16 -15.82
CA LEU A 489 -1.67 10.53 -15.57
C LEU A 489 -1.51 11.26 -16.90
N THR A 490 -1.93 12.52 -16.93
CA THR A 490 -1.71 13.40 -18.06
C THR A 490 -0.94 14.64 -17.61
N ALA A 491 -0.09 15.16 -18.48
CA ALA A 491 0.89 16.16 -18.05
C ALA A 491 0.96 17.33 -19.03
N ASN A 492 -0.19 17.75 -19.56
CA ASN A 492 -0.26 18.90 -20.46
C ASN A 492 0.66 18.63 -21.67
N ALA A 493 1.06 19.67 -22.40
CA ALA A 493 1.96 19.55 -23.53
C ALA A 493 2.29 20.93 -24.04
N THR A 494 3.36 21.01 -24.83
CA THR A 494 3.73 22.24 -25.50
C THR A 494 3.91 22.02 -26.99
N GLY A 495 4.44 20.87 -27.37
CA GLY A 495 4.70 20.60 -28.76
C GLY A 495 5.03 19.15 -28.99
N THR A 496 5.51 18.85 -30.20
CA THR A 496 5.80 17.48 -30.57
C THR A 496 7.22 17.08 -30.19
N ASN A 497 7.39 15.79 -29.89
CA ASN A 497 8.70 15.24 -29.55
C ASN A 497 8.66 13.74 -29.77
N THR A 498 9.84 13.15 -29.97
CA THR A 498 9.99 11.72 -30.20
C THR A 498 10.46 10.98 -28.95
N GLY A 499 10.01 11.38 -27.77
CA GLY A 499 10.43 10.74 -26.54
C GLY A 499 11.09 11.70 -25.57
N PHE A 500 10.36 12.05 -24.52
CA PHE A 500 10.84 12.98 -23.51
C PHE A 500 11.02 12.25 -22.17
N ILE A 501 12.12 12.57 -21.49
CA ILE A 501 12.56 11.82 -20.32
C ILE A 501 12.50 12.71 -19.09
N ILE A 502 11.89 12.21 -18.03
CA ILE A 502 11.85 12.86 -16.72
C ILE A 502 12.53 11.92 -15.73
N PRO A 503 13.49 12.38 -14.92
CA PRO A 503 14.19 11.47 -14.03
C PRO A 503 13.23 10.90 -12.98
N PRO A 504 13.47 9.67 -12.53
CA PRO A 504 12.59 9.07 -11.53
C PRO A 504 13.02 9.38 -10.10
N ASP A 505 13.91 10.36 -9.93
CA ASP A 505 14.46 10.68 -8.61
C ASP A 505 13.65 11.81 -7.96
N GLY A 506 12.41 11.47 -7.62
CA GLY A 506 11.52 12.42 -6.97
C GLY A 506 10.28 11.72 -6.50
N TYR A 507 9.49 12.42 -5.69
CA TYR A 507 8.31 11.84 -5.08
C TYR A 507 7.07 12.65 -5.44
N PHE A 508 5.94 11.94 -5.53
CA PHE A 508 4.67 12.58 -5.80
C PHE A 508 4.13 13.24 -4.54
N ARG A 509 3.54 14.42 -4.70
CA ARG A 509 2.92 15.13 -3.58
C ARG A 509 1.55 15.61 -4.00
N PHE A 510 0.55 15.32 -3.17
CA PHE A 510 -0.82 15.72 -3.47
C PHE A 510 -0.96 17.24 -3.36
N ASN A 511 -1.73 17.82 -4.28
CA ASN A 511 -1.95 19.26 -4.29
C ASN A 511 -3.40 19.64 -4.06
N SER A 512 -4.33 19.13 -4.86
CA SER A 512 -5.74 19.53 -4.71
C SER A 512 -6.62 18.61 -5.55
N TRP A 513 -7.92 18.87 -5.50
CA TRP A 513 -8.91 18.23 -6.36
C TRP A 513 -9.39 19.23 -7.39
N VAL A 514 -9.58 18.78 -8.63
CA VAL A 514 -9.99 19.65 -9.72
C VAL A 514 -11.01 18.93 -10.59
N SER A 515 -11.73 19.72 -11.37
CA SER A 515 -12.70 19.17 -12.30
C SER A 515 -11.98 18.43 -13.41
N PRO A 516 -12.63 17.46 -14.07
CA PRO A 516 -11.95 16.68 -15.10
C PRO A 516 -11.47 17.48 -16.30
N THR A 517 -12.01 18.69 -16.53
CA THR A 517 -11.57 19.53 -17.62
C THR A 517 -10.68 20.68 -17.15
N PHE A 518 -10.12 20.58 -15.95
CA PHE A 518 -9.21 21.61 -15.46
C PHE A 518 -7.96 21.66 -16.33
N VAL A 519 -7.46 22.88 -16.55
CA VAL A 519 -6.26 23.08 -17.36
C VAL A 519 -5.09 23.33 -16.43
N ILE A 520 -4.06 22.48 -16.53
CA ILE A 520 -2.94 22.56 -15.60
C ILE A 520 -2.17 23.84 -15.85
N GLY A 521 -1.51 24.35 -14.81
CA GLY A 521 -0.78 25.59 -14.89
C GLY A 521 0.53 25.51 -15.66
N ASN A 522 1.47 24.72 -15.15
CA ASN A 522 2.79 24.62 -15.74
C ASN A 522 2.75 23.93 -17.10
N VAL A 523 3.57 24.43 -18.03
CA VAL A 523 3.76 23.77 -19.32
C VAL A 523 5.08 23.01 -19.29
N VAL A 524 5.17 21.96 -20.11
CA VAL A 524 6.31 21.06 -20.05
C VAL A 524 7.41 21.36 -21.07
N ASP A 525 7.13 22.19 -22.07
CA ASP A 525 8.13 22.57 -23.08
C ASP A 525 8.70 21.34 -23.78
N LEU A 526 7.84 20.72 -24.60
CA LEU A 526 8.15 19.53 -25.42
C LEU A 526 8.13 18.27 -24.57
N ALA B 20 -9.27 8.95 43.66
CA ALA B 20 -8.41 10.04 43.22
C ALA B 20 -7.16 10.14 44.10
N PRO B 21 -6.04 9.61 43.63
CA PRO B 21 -4.81 9.62 44.42
C PRO B 21 -4.07 10.95 44.42
N LEU B 22 -4.46 11.91 43.58
CA LEU B 22 -3.75 13.18 43.52
C LEU B 22 -4.70 14.27 43.02
N PRO B 23 -4.66 15.46 43.60
CA PRO B 23 -5.58 16.52 43.19
C PRO B 23 -5.30 16.98 41.76
N GLU B 24 -6.31 17.64 41.18
CA GLU B 24 -6.27 18.14 39.82
C GLU B 24 -5.98 19.64 39.81
N ALA B 25 -5.52 20.12 38.67
CA ALA B 25 -5.24 21.54 38.47
C ALA B 25 -6.46 22.24 37.87
N THR B 26 -6.56 23.54 38.13
CA THR B 26 -7.69 24.33 37.68
C THR B 26 -7.77 24.47 36.17
N SER B 27 -6.63 24.62 35.49
CA SER B 27 -6.55 24.79 34.04
C SER B 27 -7.37 26.01 33.60
N SER B 28 -6.93 27.17 34.08
CA SER B 28 -7.63 28.42 33.79
C SER B 28 -7.59 28.75 32.30
N MET B 29 -6.45 28.57 31.65
CA MET B 29 -6.26 28.90 30.23
C MET B 29 -6.57 30.38 29.97
N SER B 30 -5.96 31.24 30.78
CA SER B 30 -6.20 32.67 30.65
C SER B 30 -5.51 33.26 29.43
N LEU B 31 -4.27 32.85 29.16
CA LEU B 31 -3.48 33.41 28.07
C LEU B 31 -3.42 32.48 26.85
N ALA B 32 -4.36 31.56 26.74
CA ALA B 32 -4.47 30.72 25.55
C ALA B 32 -5.57 31.27 24.66
N PRO B 33 -5.24 31.80 23.48
CA PRO B 33 -6.26 32.47 22.66
C PRO B 33 -7.26 31.47 22.08
N THR B 34 -8.52 31.91 22.04
CA THR B 34 -9.61 31.18 21.38
C THR B 34 -9.77 29.77 21.97
N VAL B 35 -10.13 29.74 23.25
CA VAL B 35 -10.48 28.48 23.88
C VAL B 35 -11.79 27.96 23.31
N ASN B 36 -11.92 26.63 23.28
CA ASN B 36 -13.01 25.99 22.57
C ASN B 36 -13.85 25.14 23.52
N SER B 37 -15.12 25.00 23.17
CA SER B 37 -16.08 24.22 23.95
C SER B 37 -16.52 23.02 23.12
N ILE B 38 -16.53 21.85 23.73
CA ILE B 38 -16.78 20.61 23.03
C ILE B 38 -18.19 20.11 23.37
N ASP B 39 -18.59 19.05 22.68
CA ASP B 39 -19.95 18.52 22.80
C ASP B 39 -20.24 18.16 24.26
N PRO B 40 -21.33 18.66 24.85
CA PRO B 40 -21.66 18.31 26.24
C PRO B 40 -22.05 16.85 26.44
N TRP B 41 -22.38 16.11 25.39
CA TRP B 41 -22.77 14.72 25.54
C TRP B 41 -21.59 13.78 25.68
N ILE B 42 -20.37 14.25 25.38
CA ILE B 42 -19.19 13.40 25.54
C ILE B 42 -18.90 13.14 27.01
N PHE B 43 -19.12 14.16 27.85
CA PHE B 43 -18.80 14.02 29.27
C PHE B 43 -19.66 12.99 29.97
N LEU B 44 -20.82 12.64 29.41
CA LEU B 44 -21.76 11.76 30.06
C LEU B 44 -21.68 10.31 29.57
N ASN B 45 -21.29 10.09 28.32
CA ASN B 45 -21.23 8.75 27.78
C ASN B 45 -19.77 8.30 27.70
N PRO B 46 -19.27 7.52 28.65
CA PRO B 46 -17.86 7.12 28.61
C PRO B 46 -17.60 5.99 27.63
N THR B 47 -16.47 6.05 26.94
CA THR B 47 -16.06 5.03 25.99
C THR B 47 -14.84 4.29 26.51
N GLU B 48 -14.28 3.42 25.67
CA GLU B 48 -13.16 2.58 26.07
C GLU B 48 -11.85 3.18 25.58
N VAL B 49 -10.84 3.14 26.46
CA VAL B 49 -9.52 3.65 26.08
C VAL B 49 -8.93 2.75 25.00
N PRO B 50 -8.26 3.29 23.99
CA PRO B 50 -7.74 2.45 22.91
C PRO B 50 -6.76 1.38 23.35
N GLY B 51 -5.65 1.77 23.98
CA GLY B 51 -4.67 0.80 24.39
C GLY B 51 -4.75 0.39 25.84
N GLY B 52 -5.96 0.14 26.34
CA GLY B 52 -6.14 -0.03 27.76
C GLY B 52 -6.79 -1.32 28.18
N THR B 53 -6.50 -2.41 27.49
CA THR B 53 -6.97 -3.73 27.87
C THR B 53 -5.79 -4.64 28.13
N PHE B 54 -5.89 -5.45 29.17
CA PHE B 54 -4.81 -6.37 29.49
C PHE B 54 -5.38 -7.56 30.24
N THR B 55 -4.51 -8.53 30.51
CA THR B 55 -4.92 -9.77 31.16
C THR B 55 -3.87 -10.20 32.16
N VAL B 56 -4.33 -10.88 33.20
CA VAL B 56 -3.48 -11.44 34.24
C VAL B 56 -3.72 -12.94 34.28
N ALA B 57 -2.64 -13.71 34.26
CA ALA B 57 -2.70 -15.16 34.25
C ALA B 57 -2.04 -15.70 35.51
N SER B 58 -2.15 -17.01 35.71
CA SER B 58 -1.64 -17.65 36.92
C SER B 58 -0.12 -17.67 36.99
N ASN B 59 0.58 -17.44 35.88
CA ASN B 59 2.03 -17.56 35.85
C ASN B 59 2.74 -16.25 35.53
N THR B 60 2.07 -15.11 35.74
CA THR B 60 2.73 -13.83 35.53
C THR B 60 3.69 -13.55 36.69
N GLN B 61 4.86 -13.05 36.37
CA GLN B 61 5.87 -12.79 37.39
C GLN B 61 5.43 -11.62 38.26
N PRO B 62 5.51 -11.73 39.58
CA PRO B 62 5.17 -10.58 40.44
C PRO B 62 6.09 -9.40 40.16
N GLY B 63 5.51 -8.21 40.22
CA GLY B 63 6.24 -7.01 39.88
C GLY B 63 6.55 -6.88 38.41
N THR B 64 5.51 -6.91 37.58
CA THR B 64 5.65 -6.73 36.14
C THR B 64 4.69 -5.63 35.71
N MET B 65 5.09 -4.89 34.67
CA MET B 65 4.35 -3.69 34.26
C MET B 65 3.35 -4.07 33.18
N LEU B 66 2.07 -4.13 33.55
CA LEU B 66 1.02 -4.50 32.61
C LEU B 66 0.59 -3.35 31.72
N LEU B 67 0.67 -2.11 32.20
CA LEU B 67 0.16 -0.97 31.46
C LEU B 67 0.97 0.27 31.84
N ASP B 68 1.44 0.99 30.82
CA ASP B 68 2.23 2.20 31.02
C ASP B 68 1.76 3.29 30.06
N ILE B 69 0.45 3.46 29.94
CA ILE B 69 -0.09 4.48 29.05
C ILE B 69 0.02 5.84 29.72
N GLU B 70 0.14 6.90 28.93
CA GLU B 70 0.37 8.24 29.44
C GLU B 70 -0.88 9.09 29.26
N ILE B 71 -1.05 10.08 30.14
CA ILE B 71 -2.21 10.97 30.06
C ILE B 71 -2.09 11.86 28.85
N SER B 72 -3.15 11.89 28.04
CA SER B 72 -3.19 12.63 26.78
C SER B 72 -4.63 12.60 26.27
N PRO B 73 -4.94 13.39 25.25
CA PRO B 73 -6.29 13.33 24.66
C PRO B 73 -6.59 12.03 23.94
N GLU B 74 -5.69 11.05 23.98
CA GLU B 74 -5.91 9.76 23.33
C GLU B 74 -6.40 8.69 24.30
N LEU B 75 -7.12 9.08 25.35
CA LEU B 75 -7.74 8.15 26.28
C LEU B 75 -9.24 8.05 26.08
N ASN B 76 -9.73 8.39 24.90
CA ASN B 76 -11.16 8.38 24.62
C ASN B 76 -11.35 8.40 23.11
N ILE B 77 -12.32 7.62 22.63
CA ILE B 77 -12.51 7.47 21.20
C ILE B 77 -12.83 8.80 20.54
N PHE B 78 -13.62 9.63 21.21
CA PHE B 78 -14.05 10.89 20.62
C PHE B 78 -12.98 11.97 20.68
N THR B 79 -12.32 12.15 21.83
CA THR B 79 -11.30 13.18 21.91
C THR B 79 -9.99 12.77 21.24
N ALA B 80 -9.81 11.49 20.92
CA ALA B 80 -8.65 11.08 20.14
C ALA B 80 -8.86 11.33 18.65
N HIS B 81 -10.10 11.35 18.19
CA HIS B 81 -10.41 11.69 16.80
C HIS B 81 -10.59 13.18 16.61
N MET B 82 -11.09 13.88 17.63
CA MET B 82 -11.26 15.32 17.56
C MET B 82 -9.93 16.05 17.70
N PHE B 83 -8.94 15.43 18.34
CA PHE B 83 -7.66 16.07 18.61
C PHE B 83 -6.85 16.33 17.34
N ARG B 84 -7.21 15.74 16.21
CA ARG B 84 -6.47 15.98 14.99
C ARG B 84 -6.71 17.36 14.40
N MET B 85 -7.69 18.10 14.93
CA MET B 85 -7.99 19.44 14.44
C MET B 85 -7.37 20.55 15.26
N TYR B 86 -6.89 20.27 16.47
CA TYR B 86 -6.42 21.31 17.37
C TYR B 86 -4.91 21.19 17.60
N ALA B 87 -4.38 22.15 18.36
CA ALA B 87 -2.96 22.18 18.68
C ALA B 87 -2.72 22.55 20.15
N GLY B 88 -3.59 22.09 21.04
CA GLY B 88 -3.44 22.39 22.46
C GLY B 88 -4.58 21.85 23.30
N TRP B 89 -4.30 21.50 24.55
CA TRP B 89 -5.31 20.90 25.40
C TRP B 89 -4.88 21.06 26.86
N SER B 90 -5.86 20.93 27.76
CA SER B 90 -5.56 20.96 29.19
C SER B 90 -6.73 20.38 29.95
N GLY B 91 -6.51 19.26 30.64
CA GLY B 91 -7.56 18.65 31.43
C GLY B 91 -7.26 17.20 31.71
N GLY B 92 -7.94 16.67 32.72
CA GLY B 92 -7.75 15.30 33.13
C GLY B 92 -8.92 14.40 32.81
N PHE B 93 -8.79 13.10 33.07
CA PHE B 93 -9.82 12.13 32.74
C PHE B 93 -10.27 11.39 33.99
N ALA B 94 -11.39 10.66 33.86
CA ALA B 94 -11.94 9.87 34.95
C ALA B 94 -12.19 8.45 34.44
N ILE B 95 -11.35 7.51 34.81
CA ILE B 95 -11.41 6.17 34.26
C ILE B 95 -12.03 5.23 35.27
N LYS B 96 -12.53 4.10 34.78
CA LYS B 96 -13.24 3.10 35.58
C LYS B 96 -12.85 1.71 35.08
N LEU B 97 -12.68 0.79 36.02
CA LEU B 97 -12.15 -0.53 35.71
C LEU B 97 -13.28 -1.55 35.59
N LEU B 98 -13.26 -2.31 34.50
CA LEU B 98 -14.09 -3.50 34.36
C LEU B 98 -13.18 -4.71 34.49
N VAL B 99 -13.48 -5.56 35.48
CA VAL B 99 -12.54 -6.55 35.97
C VAL B 99 -12.82 -7.94 35.39
N ALA B 100 -14.09 -8.28 35.17
CA ALA B 100 -14.49 -9.60 34.68
C ALA B 100 -13.84 -10.70 35.53
N GLY B 101 -14.12 -10.64 36.82
CA GLY B 101 -13.45 -11.43 37.83
C GLY B 101 -13.91 -12.87 37.86
N ASN B 102 -13.79 -13.48 39.04
CA ASN B 102 -14.05 -14.90 39.21
C ASN B 102 -14.70 -15.08 40.58
N ALA B 103 -14.76 -16.32 41.06
CA ALA B 103 -15.28 -16.62 42.38
C ALA B 103 -14.29 -17.37 43.25
N PHE B 104 -13.14 -17.75 42.69
CA PHE B 104 -12.12 -18.49 43.45
C PHE B 104 -10.80 -17.75 43.58
N SER B 105 -10.41 -16.95 42.61
CA SER B 105 -9.08 -16.37 42.58
C SER B 105 -8.90 -15.34 43.68
N ALA B 106 -7.65 -15.01 43.98
CA ALA B 106 -7.32 -14.04 45.03
C ALA B 106 -5.96 -13.44 44.73
N GLY B 107 -5.90 -12.12 44.65
CA GLY B 107 -4.64 -11.43 44.39
C GLY B 107 -4.82 -9.95 44.66
N LYS B 108 -3.78 -9.19 44.32
CA LYS B 108 -3.80 -7.73 44.52
C LYS B 108 -3.10 -7.00 43.39
N LEU B 109 -3.75 -5.96 42.90
CA LEU B 109 -3.24 -5.09 41.86
C LEU B 109 -2.70 -3.81 42.51
N ILE B 110 -2.17 -2.91 41.68
CA ILE B 110 -1.67 -1.63 42.17
C ILE B 110 -1.66 -0.64 41.02
N VAL B 111 -2.18 0.56 41.28
CA VAL B 111 -2.27 1.63 40.30
C VAL B 111 -1.59 2.86 40.90
N ALA B 112 -0.70 3.49 40.14
CA ALA B 112 0.05 4.64 40.62
C ALA B 112 0.12 5.71 39.54
N ILE B 113 0.18 6.96 39.99
CA ILE B 113 0.35 8.12 39.13
C ILE B 113 1.79 8.59 39.23
N ILE B 114 2.47 8.70 38.11
CA ILE B 114 3.89 9.06 38.06
C ILE B 114 4.00 10.49 37.53
N PRO B 115 4.50 11.44 38.33
CA PRO B 115 4.73 12.78 37.80
C PRO B 115 5.80 12.76 36.73
N PRO B 116 5.90 13.84 35.88
CA PRO B 116 6.88 13.88 34.80
C PRO B 116 8.32 14.02 35.26
N ASN B 117 9.25 14.05 34.32
CA ASN B 117 10.69 14.19 34.66
C ASN B 117 11.01 13.28 35.84
N VAL B 118 10.60 12.01 35.76
CA VAL B 118 10.84 11.05 36.86
C VAL B 118 11.05 9.65 36.25
N GLN B 119 12.22 9.06 36.48
CA GLN B 119 12.49 7.69 35.97
C GLN B 119 11.48 6.71 36.57
N VAL B 120 10.54 6.24 35.75
CA VAL B 120 9.50 5.27 36.24
C VAL B 120 10.18 4.18 37.07
N PRO B 121 9.84 4.02 38.37
CA PRO B 121 10.40 2.94 39.17
C PRO B 121 9.99 1.61 38.58
N ASN B 122 10.92 0.65 38.58
CA ASN B 122 10.63 -0.70 38.01
C ASN B 122 10.51 -1.72 39.15
N SER B 123 10.10 -1.26 40.33
CA SER B 123 9.96 -2.17 41.51
C SER B 123 8.77 -1.71 42.36
N ALA B 124 7.90 -2.64 42.77
CA ALA B 124 6.72 -2.27 43.59
C ALA B 124 7.21 -1.50 44.81
N TYR B 125 8.34 -1.92 45.38
CA TYR B 125 8.90 -1.24 46.59
C TYR B 125 9.00 0.26 46.33
N LEU B 126 9.50 0.64 45.16
CA LEU B 126 9.67 2.08 44.85
C LEU B 126 8.34 2.67 44.34
N LEU B 127 7.55 1.87 43.62
CA LEU B 127 6.29 2.39 43.04
C LEU B 127 5.32 2.77 44.16
N THR B 128 5.43 2.13 45.33
CA THR B 128 4.53 2.43 46.46
C THR B 128 4.73 3.85 46.92
N GLY B 129 5.91 4.43 46.63
CA GLY B 129 6.19 5.83 47.01
C GLY B 129 5.59 6.81 46.01
N PHE B 130 4.42 6.50 45.46
CA PHE B 130 3.74 7.39 44.49
C PHE B 130 2.26 7.43 44.82
N PRO B 131 1.48 8.46 44.39
CA PRO B 131 0.05 8.45 44.61
C PRO B 131 -0.44 7.09 44.13
N HIS B 132 -0.79 6.20 45.06
CA HIS B 132 -1.15 4.84 44.65
C HIS B 132 -2.44 4.42 45.34
N GLU B 133 -3.11 3.44 44.72
CA GLU B 133 -4.27 2.79 45.32
C GLU B 133 -4.18 1.32 44.99
N ILE B 134 -4.40 0.46 45.98
CA ILE B 134 -4.25 -0.98 45.84
C ILE B 134 -5.63 -1.60 45.74
N LEU B 135 -5.87 -2.34 44.66
CA LEU B 135 -7.14 -3.02 44.42
C LEU B 135 -6.91 -4.51 44.39
N ASP B 136 -7.69 -5.24 45.17
CA ASP B 136 -7.61 -6.70 45.14
C ASP B 136 -8.66 -7.26 44.17
N PHE B 137 -8.51 -8.55 43.86
CA PHE B 137 -9.37 -9.16 42.85
C PHE B 137 -10.70 -9.62 43.43
N ARG B 138 -10.83 -9.64 44.74
CA ARG B 138 -12.06 -10.10 45.38
C ARG B 138 -13.05 -8.97 45.64
N THR B 139 -12.77 -7.76 45.15
CA THR B 139 -13.73 -6.67 45.31
C THR B 139 -15.03 -7.00 44.58
N ALA B 140 -14.93 -7.61 43.40
CA ALA B 140 -16.07 -8.03 42.60
C ALA B 140 -16.99 -6.86 42.27
N ASP B 141 -16.38 -5.74 41.89
CA ASP B 141 -17.13 -4.56 41.49
C ASP B 141 -16.26 -3.75 40.52
N GLN B 142 -16.69 -2.52 40.25
CA GLN B 142 -16.06 -1.66 39.25
C GLN B 142 -15.70 -0.33 39.91
N VAL B 143 -14.44 -0.20 40.33
CA VAL B 143 -13.96 1.02 40.95
C VAL B 143 -13.58 2.02 39.86
N GLU B 144 -13.33 3.26 40.25
CA GLU B 144 -12.92 4.29 39.32
C GLU B 144 -11.86 5.16 39.97
N ILE B 145 -11.02 5.79 39.12
CA ILE B 145 -9.90 6.59 39.58
C ILE B 145 -9.78 7.81 38.67
N ILE B 146 -9.40 8.94 39.26
CA ILE B 146 -9.24 10.19 38.52
C ILE B 146 -7.78 10.33 38.11
N ALA B 147 -7.53 10.57 36.83
CA ALA B 147 -6.18 10.81 36.33
C ALA B 147 -6.04 12.29 36.00
N PRO B 148 -5.28 13.06 36.79
CA PRO B 148 -5.13 14.48 36.51
C PRO B 148 -3.95 14.74 35.57
N ASP B 149 -3.84 16.00 35.12
CA ASP B 149 -2.71 16.37 34.23
C ASP B 149 -1.77 17.30 35.01
N ILE B 150 -0.51 16.89 35.18
CA ILE B 150 0.48 17.70 35.95
C ILE B 150 1.18 18.67 34.99
N LYS B 151 0.68 19.90 34.88
CA LYS B 151 1.26 20.88 33.93
C LYS B 151 1.77 22.11 34.71
N ASN B 152 2.98 22.57 34.38
CA ASN B 152 3.51 23.80 35.02
C ASN B 152 3.20 24.99 34.11
N LEU B 153 2.67 24.73 32.92
CA LEU B 153 2.36 25.80 31.94
C LEU B 153 0.84 26.07 31.94
N ASP B 154 0.41 27.11 31.23
CA ASP B 154 -1.04 27.45 31.16
C ASP B 154 -1.80 26.30 30.50
N TYR B 155 -1.23 25.73 29.43
CA TYR B 155 -1.87 24.57 28.74
C TYR B 155 -0.83 23.88 27.85
N HIS B 156 -0.84 22.55 27.82
CA HIS B 156 0.14 21.80 27.01
C HIS B 156 -0.29 21.80 25.55
N PHE B 157 0.68 21.93 24.64
CA PHE B 157 0.36 21.89 23.19
C PHE B 157 0.44 20.45 22.74
N ARG B 158 1.66 19.98 22.46
CA ARG B 158 1.88 18.57 22.05
C ARG B 158 3.34 18.24 22.38
N GLY B 159 3.66 18.03 23.66
CA GLY B 159 5.09 17.86 24.00
C GLY B 159 5.29 17.38 25.43
N ASP B 160 6.26 16.49 25.65
CA ASP B 160 6.54 15.93 27.01
C ASP B 160 5.27 15.89 27.84
N LYS B 161 4.25 15.18 27.35
CA LYS B 161 2.97 15.06 28.09
C LYS B 161 3.08 13.85 29.05
N LEU B 162 4.07 13.87 29.95
CA LEU B 162 4.21 12.79 30.91
C LEU B 162 3.13 12.89 31.98
N GLY B 163 3.18 11.97 32.93
CA GLY B 163 2.08 11.80 33.86
C GLY B 163 1.48 10.42 33.67
N ARG B 164 2.32 9.47 33.30
CA ARG B 164 1.87 8.15 32.92
C ARG B 164 1.15 7.46 34.09
N LEU B 165 0.49 6.35 33.77
CA LEU B 165 -0.49 5.69 34.63
C LEU B 165 -0.11 4.22 34.81
N VAL B 166 1.12 3.99 35.25
CA VAL B 166 1.64 2.64 35.41
C VAL B 166 0.70 1.80 36.28
N VAL B 167 0.49 0.55 35.86
CA VAL B 167 -0.31 -0.42 36.59
C VAL B 167 0.52 -1.68 36.76
N MET B 168 0.60 -2.20 37.98
CA MET B 168 1.46 -3.34 38.26
C MET B 168 0.70 -4.46 38.97
N VAL B 169 1.41 -5.52 39.37
CA VAL B 169 0.81 -6.67 40.04
C VAL B 169 1.47 -6.82 41.40
N TYR B 170 0.77 -6.41 42.46
CA TYR B 170 1.40 -6.38 43.77
C TYR B 170 1.58 -7.78 44.33
N SER B 171 0.60 -8.65 44.09
CA SER B 171 0.64 -10.02 44.59
C SER B 171 -0.02 -10.94 43.58
N PRO B 172 0.56 -12.10 43.29
CA PRO B 172 0.03 -12.98 42.25
C PRO B 172 -1.31 -13.59 42.66
N LEU B 173 -2.04 -14.07 41.66
CA LEU B 173 -3.35 -14.68 41.88
C LEU B 173 -3.20 -16.20 41.91
N ARG B 174 -2.92 -16.73 43.11
CA ARG B 174 -2.86 -18.20 43.24
C ARG B 174 -4.31 -18.71 43.38
N SER B 175 -5.01 -18.90 42.26
CA SER B 175 -6.43 -19.33 42.31
C SER B 175 -6.58 -20.62 43.14
N THR B 176 -7.61 -20.68 43.98
CA THR B 176 -7.84 -21.88 44.82
C THR B 176 -8.17 -23.06 43.93
N ALA B 177 -9.08 -22.87 42.97
CA ALA B 177 -9.52 -23.98 42.09
C ALA B 177 -8.97 -23.79 40.68
N THR B 178 -9.86 -23.86 39.68
CA THR B 178 -9.43 -23.71 38.27
C THR B 178 -8.51 -22.51 38.11
N ASP B 179 -7.36 -22.71 37.48
CA ASP B 179 -6.42 -21.58 37.23
C ASP B 179 -6.86 -20.84 35.96
N PHE B 180 -7.92 -20.05 36.06
CA PHE B 180 -8.43 -19.31 34.90
C PHE B 180 -7.86 -17.90 34.94
N GLU B 181 -7.92 -17.23 33.80
CA GLU B 181 -7.30 -15.92 33.62
C GLU B 181 -8.30 -14.82 33.93
N ILE B 182 -7.81 -13.60 34.09
CA ILE B 182 -8.65 -12.43 34.33
C ILE B 182 -8.35 -11.39 33.27
N GLU B 183 -9.39 -10.81 32.67
CA GLU B 183 -9.24 -9.77 31.66
C GLU B 183 -9.77 -8.46 32.22
N ILE B 184 -8.91 -7.43 32.23
CA ILE B 184 -9.23 -6.14 32.80
C ILE B 184 -9.21 -5.10 31.68
N LYS B 185 -10.24 -4.26 31.64
CA LYS B 185 -10.32 -3.17 30.68
C LYS B 185 -10.73 -1.88 31.37
N LEU B 186 -10.55 -0.77 30.66
CA LEU B 186 -10.76 0.55 31.24
C LEU B 186 -11.71 1.37 30.37
N LEU B 187 -12.63 2.08 31.00
CA LEU B 187 -13.50 3.02 30.34
C LEU B 187 -13.18 4.42 30.84
N SER B 188 -13.31 5.43 29.99
CA SER B 188 -12.84 6.76 30.36
C SER B 188 -13.80 7.83 29.85
N ALA B 189 -13.64 9.02 30.43
CA ALA B 189 -14.45 10.20 30.08
C ALA B 189 -13.74 11.45 30.56
N PRO B 190 -13.76 12.53 29.79
CA PRO B 190 -13.09 13.77 30.19
C PRO B 190 -13.75 14.41 31.41
N LEU B 191 -12.93 15.11 32.17
CA LEU B 191 -13.41 15.91 33.28
C LEU B 191 -14.12 17.16 32.77
N PRO B 192 -14.93 17.80 33.61
CA PRO B 192 -15.62 19.02 33.18
C PRO B 192 -14.72 20.21 32.89
N ASP B 193 -13.40 20.07 33.01
CA ASP B 193 -12.47 21.16 32.75
C ASP B 193 -11.61 20.92 31.52
N PHE B 194 -11.96 19.95 30.69
CA PHE B 194 -11.16 19.60 29.52
C PHE B 194 -11.56 20.48 28.36
N LYS B 195 -10.58 21.16 27.75
CA LYS B 195 -10.83 22.07 26.65
C LYS B 195 -9.72 21.94 25.61
N PHE B 196 -10.06 22.29 24.37
CA PHE B 196 -9.14 22.37 23.26
C PHE B 196 -8.86 23.83 22.91
N THR B 197 -7.78 24.05 22.17
CA THR B 197 -7.37 25.40 21.83
C THR B 197 -6.76 25.43 20.42
N MET B 198 -6.97 26.56 19.74
CA MET B 198 -6.28 26.87 18.49
C MET B 198 -6.52 25.81 17.42
N LEU B 199 -7.75 25.72 16.92
CA LEU B 199 -8.13 24.71 15.93
C LEU B 199 -7.45 24.93 14.58
N VAL B 200 -6.52 25.89 14.51
CA VAL B 200 -5.91 26.31 13.25
C VAL B 200 -5.37 25.14 12.43
N PRO B 201 -4.64 24.17 12.99
CA PRO B 201 -4.16 23.06 12.16
C PRO B 201 -5.32 22.27 11.60
N PRO B 202 -5.43 22.17 10.28
CA PRO B 202 -6.64 21.57 9.70
C PRO B 202 -6.86 20.10 10.01
N VAL B 203 -5.92 19.24 9.59
CA VAL B 203 -6.05 17.79 9.78
C VAL B 203 -4.64 17.20 9.88
N GLN B 204 -4.57 15.87 10.02
CA GLN B 204 -3.39 15.03 9.74
C GLN B 204 -2.16 15.49 10.53
N ASN B 205 -2.26 15.32 11.85
CA ASN B 205 -1.13 15.58 12.73
C ASN B 205 -0.63 14.34 13.47
N ASN B 206 -1.52 13.52 14.03
CA ASN B 206 -1.10 12.46 14.95
C ASN B 206 -1.94 11.20 14.70
N ALA B 207 -1.87 10.27 15.64
CA ALA B 207 -2.39 8.91 15.48
C ALA B 207 -3.91 8.90 15.46
N LEU B 208 -4.47 7.71 15.21
CA LEU B 208 -5.91 7.48 15.09
C LEU B 208 -6.31 6.34 16.01
N PRO B 209 -7.58 6.27 16.39
CA PRO B 209 -8.07 5.13 17.19
C PRO B 209 -8.37 3.86 16.40
N ILE B 210 -8.40 3.93 15.07
CA ILE B 210 -8.80 2.81 14.23
C ILE B 210 -7.74 2.57 13.18
N TRP B 211 -7.89 1.46 12.45
CA TRP B 211 -6.96 1.07 11.38
C TRP B 211 -7.78 0.36 10.32
N GLN B 212 -7.76 0.89 9.10
CA GLN B 212 -8.51 0.31 7.99
C GLN B 212 -7.60 -0.64 7.22
N ILE B 213 -7.79 -1.93 7.42
CA ILE B 213 -7.04 -2.97 6.70
C ILE B 213 -7.86 -3.39 5.49
N PRO B 214 -7.37 -3.16 4.27
CA PRO B 214 -8.12 -3.59 3.09
C PRO B 214 -8.26 -5.10 3.07
N PRO B 215 -9.39 -5.62 2.58
CA PRO B 215 -9.62 -7.07 2.58
C PRO B 215 -8.86 -7.79 1.47
N THR B 216 -7.53 -7.71 1.53
CA THR B 216 -6.70 -8.33 0.51
C THR B 216 -6.24 -9.70 1.00
N PRO B 217 -6.62 -10.79 0.33
CA PRO B 217 -6.22 -12.11 0.80
C PRO B 217 -4.71 -12.27 0.69
N PRO B 218 -4.10 -13.05 1.60
CA PRO B 218 -2.66 -13.29 1.49
C PRO B 218 -2.27 -14.04 0.23
N GLY B 219 -3.22 -14.73 -0.41
CA GLY B 219 -2.93 -15.40 -1.67
C GLY B 219 -2.60 -14.45 -2.80
N ALA B 220 -2.88 -13.16 -2.63
CA ALA B 220 -2.58 -12.14 -3.62
C ALA B 220 -1.55 -11.14 -3.09
N MET B 221 -0.56 -11.63 -2.37
CA MET B 221 0.51 -10.81 -1.83
C MET B 221 1.85 -11.34 -2.31
N VAL B 222 2.85 -10.46 -2.31
CA VAL B 222 4.19 -10.82 -2.76
C VAL B 222 4.98 -11.37 -1.59
N ASN B 223 5.83 -12.36 -1.84
CA ASN B 223 6.69 -12.92 -0.82
C ASN B 223 8.06 -12.27 -0.92
N PRO B 224 8.48 -11.48 0.07
CA PRO B 224 9.74 -10.73 -0.07
C PRO B 224 10.96 -11.60 -0.26
N ARG B 225 11.02 -12.76 0.39
CA ARG B 225 12.21 -13.60 0.29
C ARG B 225 12.23 -14.50 -0.93
N SER B 226 11.11 -14.63 -1.65
CA SER B 226 11.10 -15.48 -2.83
C SER B 226 10.01 -15.03 -3.80
N PRO B 227 10.28 -14.01 -4.61
CA PRO B 227 9.30 -13.63 -5.64
C PRO B 227 9.14 -14.72 -6.69
N LEU B 228 8.27 -14.48 -7.68
CA LEU B 228 7.91 -15.41 -8.74
C LEU B 228 7.16 -16.63 -8.24
N THR B 229 6.93 -16.75 -6.93
CA THR B 229 6.22 -17.87 -6.35
C THR B 229 5.12 -17.36 -5.43
N PRO B 230 3.85 -17.53 -5.80
CA PRO B 230 2.77 -17.00 -4.97
C PRO B 230 2.69 -17.70 -3.62
N VAL B 231 2.20 -16.96 -2.63
CA VAL B 231 1.96 -17.53 -1.30
C VAL B 231 0.83 -18.54 -1.40
N VAL B 232 1.05 -19.73 -0.82
CA VAL B 232 0.09 -20.82 -0.96
C VAL B 232 -0.64 -21.07 0.36
N ASP B 233 0.03 -20.81 1.48
CA ASP B 233 -0.54 -21.10 2.79
C ASP B 233 0.18 -20.28 3.85
N LEU B 234 -0.38 -20.28 5.05
CA LEU B 234 0.26 -19.71 6.22
C LEU B 234 0.76 -20.85 7.10
N TYR B 235 2.03 -20.82 7.45
CA TYR B 235 2.71 -21.94 8.08
C TYR B 235 3.20 -21.55 9.46
N ILE B 236 2.94 -22.40 10.45
CA ILE B 236 3.39 -22.20 11.82
C ILE B 236 4.02 -23.50 12.31
N ASN B 237 5.25 -23.42 12.82
CA ASN B 237 6.01 -24.59 13.22
C ASN B 237 6.59 -24.37 14.62
N SER B 238 6.57 -25.45 15.42
CA SER B 238 7.02 -25.38 16.81
C SER B 238 8.54 -25.35 16.95
N SER B 239 9.28 -25.99 16.06
CA SER B 239 10.73 -26.03 16.17
C SER B 239 11.40 -24.70 15.91
N TRP B 240 10.89 -23.90 14.98
CA TRP B 240 11.47 -22.60 14.64
C TRP B 240 10.95 -21.60 15.66
N THR B 241 11.76 -21.33 16.68
CA THR B 241 11.39 -20.41 17.75
C THR B 241 12.15 -19.09 17.66
N THR B 242 12.83 -18.84 16.55
CA THR B 242 13.60 -17.61 16.37
C THR B 242 13.74 -17.34 14.88
N CYS B 243 14.11 -16.11 14.56
CA CYS B 243 14.28 -15.68 13.17
C CYS B 243 15.55 -14.87 13.05
N ASN B 244 16.29 -15.08 11.97
CA ASN B 244 17.52 -14.34 11.68
C ASN B 244 17.55 -13.85 10.23
N HIS B 245 16.40 -13.56 9.65
CA HIS B 245 16.34 -13.18 8.25
C HIS B 245 16.81 -11.75 8.06
N GLN B 246 17.22 -11.44 6.83
CA GLN B 246 17.63 -10.10 6.46
C GLN B 246 16.78 -9.48 5.36
N LEU B 247 15.89 -10.24 4.74
CA LEU B 247 14.95 -9.74 3.75
C LEU B 247 13.53 -9.82 4.30
N GLY B 248 12.73 -8.82 3.99
CA GLY B 248 11.38 -8.75 4.53
C GLY B 248 11.30 -8.18 5.92
N ARG B 249 12.35 -7.52 6.41
CA ARG B 249 12.35 -6.94 7.73
C ARG B 249 11.81 -5.51 7.65
N TYR B 250 10.57 -5.32 8.07
CA TYR B 250 9.94 -4.01 8.07
C TYR B 250 9.51 -3.65 9.48
N THR B 251 9.67 -2.38 9.82
CA THR B 251 9.24 -1.86 11.11
C THR B 251 8.44 -0.59 10.88
N ILE B 252 7.47 -0.35 11.77
CA ILE B 252 6.65 0.85 11.65
C ILE B 252 7.49 2.10 11.93
N ASP B 253 8.33 2.04 12.96
CA ASP B 253 9.16 3.18 13.32
C ASP B 253 10.21 3.49 12.26
N GLY B 254 10.90 2.47 11.78
CA GLY B 254 12.01 2.64 10.87
C GLY B 254 11.75 2.35 9.41
N GLY B 255 10.55 1.90 9.05
CA GLY B 255 10.31 1.54 7.67
C GLY B 255 11.07 0.28 7.29
N ALA B 256 11.74 0.33 6.14
CA ALA B 256 12.55 -0.79 5.67
C ALA B 256 13.83 -0.84 6.49
N ILE B 257 13.95 -1.84 7.34
CA ILE B 257 15.10 -1.99 8.23
C ILE B 257 15.95 -3.14 7.73
N GLY B 258 17.24 -3.09 8.06
CA GLY B 258 18.17 -4.10 7.60
C GLY B 258 18.46 -3.98 6.11
N ASN B 259 18.43 -5.09 5.40
CA ASN B 259 18.67 -5.12 3.96
C ASN B 259 17.38 -5.31 3.17
N SER B 260 16.23 -5.11 3.80
CA SER B 260 14.94 -5.28 3.14
C SER B 260 14.62 -4.05 2.30
N THR B 261 13.66 -4.21 1.38
CA THR B 261 13.22 -3.13 0.52
C THR B 261 11.74 -3.31 0.22
N PHE B 262 11.13 -2.23 -0.30
CA PHE B 262 9.71 -2.26 -0.59
C PHE B 262 9.38 -2.72 -2.01
N ASN B 263 10.39 -3.07 -2.81
CA ASN B 263 10.19 -3.60 -4.15
C ASN B 263 11.02 -4.87 -4.31
N PRO B 264 10.58 -5.99 -3.74
CA PRO B 264 11.36 -7.22 -3.85
C PRO B 264 11.55 -7.70 -5.28
N SER B 265 10.56 -7.51 -6.15
CA SER B 265 10.64 -8.04 -7.50
C SER B 265 11.70 -7.31 -8.33
N GLY B 266 11.79 -5.99 -8.17
CA GLY B 266 12.68 -5.21 -9.01
C GLY B 266 14.15 -5.52 -8.81
N LEU B 267 14.55 -5.87 -7.59
CA LEU B 267 15.96 -6.00 -7.22
C LEU B 267 16.40 -7.45 -7.09
N TRP B 268 15.67 -8.38 -7.69
CA TRP B 268 15.99 -9.79 -7.54
C TRP B 268 17.20 -10.21 -8.36
N THR B 269 17.33 -9.71 -9.58
CA THR B 269 18.44 -10.06 -10.45
C THR B 269 19.68 -9.28 -10.06
N GLY B 270 20.85 -9.95 -10.12
CA GLY B 270 22.09 -9.33 -9.74
C GLY B 270 23.15 -9.53 -10.81
N THR B 271 24.28 -8.86 -10.61
CA THR B 271 25.42 -9.00 -11.50
C THR B 271 26.70 -9.10 -10.68
N PHE B 272 27.67 -9.86 -11.19
CA PHE B 272 28.93 -10.06 -10.50
C PHE B 272 30.08 -10.01 -11.50
N THR B 273 31.31 -10.01 -10.98
CA THR B 273 32.50 -9.97 -11.80
C THR B 273 33.47 -11.06 -11.38
N ALA B 274 34.07 -11.71 -12.37
CA ALA B 274 35.03 -12.78 -12.11
C ALA B 274 36.36 -12.20 -11.63
N GLU B 275 37.22 -13.10 -11.14
CA GLU B 275 38.51 -12.69 -10.58
C GLU B 275 39.65 -13.61 -11.01
N SER B 276 39.39 -14.57 -11.89
CA SER B 276 40.41 -15.45 -12.46
C SER B 276 41.17 -16.21 -11.35
N GLY B 277 40.42 -17.08 -10.68
CA GLY B 277 41.02 -17.88 -9.63
C GLY B 277 40.12 -19.03 -9.26
N SER B 278 40.57 -19.80 -8.27
CA SER B 278 39.80 -20.91 -7.72
C SER B 278 40.27 -21.18 -6.30
N VAL B 279 39.33 -21.63 -5.46
CA VAL B 279 39.68 -21.96 -4.08
C VAL B 279 40.41 -23.28 -4.04
N SER B 280 41.16 -23.50 -2.96
CA SER B 280 41.91 -24.74 -2.81
C SER B 280 40.96 -25.92 -2.65
N GLY B 281 41.47 -27.12 -2.91
CA GLY B 281 40.67 -28.32 -2.80
C GLY B 281 39.97 -28.67 -4.09
N GLN B 282 39.05 -27.82 -4.53
CA GLN B 282 38.31 -28.03 -5.77
C GLN B 282 38.61 -26.87 -6.72
N THR B 283 39.04 -27.20 -7.94
CA THR B 283 39.40 -26.17 -8.90
C THR B 283 38.18 -25.65 -9.65
N ASN B 284 37.10 -26.43 -9.70
CA ASN B 284 35.92 -26.06 -10.48
C ASN B 284 35.14 -24.90 -9.86
N TRP B 285 35.42 -24.55 -8.62
CA TRP B 285 34.68 -23.48 -7.93
C TRP B 285 35.33 -22.15 -8.28
N ARG B 286 34.90 -21.55 -9.38
CA ARG B 286 35.43 -20.28 -9.81
C ARG B 286 35.01 -19.18 -8.84
N ILE B 287 35.98 -18.41 -8.37
CA ILE B 287 35.72 -17.33 -7.41
C ILE B 287 35.27 -16.09 -8.14
N ALA B 288 34.37 -15.33 -7.51
CA ALA B 288 33.85 -14.10 -8.11
C ALA B 288 33.42 -13.16 -7.00
N MET B 289 33.21 -11.90 -7.38
CA MET B 289 32.84 -10.86 -6.42
C MET B 289 31.56 -10.17 -6.90
N LEU B 290 30.66 -9.91 -5.96
CA LEU B 290 29.39 -9.27 -6.28
C LEU B 290 29.58 -7.77 -6.46
N ASP B 291 28.67 -7.15 -7.19
CA ASP B 291 28.71 -5.72 -7.49
C ASP B 291 27.64 -5.00 -6.69
N ASN B 292 28.04 -3.92 -6.00
CA ASN B 292 27.14 -3.13 -5.17
C ASN B 292 27.12 -1.70 -5.66
N PRO B 293 26.16 -1.33 -6.51
CA PRO B 293 26.04 0.09 -6.91
C PRO B 293 25.76 1.01 -5.75
N TYR B 294 25.04 0.54 -4.72
CA TYR B 294 24.72 1.40 -3.58
C TYR B 294 25.95 1.72 -2.74
N ASN B 295 26.86 0.78 -2.58
CA ASN B 295 28.06 0.95 -1.76
C ASN B 295 29.26 0.54 -2.60
N PRO B 296 29.76 1.44 -3.46
CA PRO B 296 30.90 1.09 -4.32
C PRO B 296 32.14 0.70 -3.52
N THR B 297 32.62 1.61 -2.66
CA THR B 297 33.71 1.29 -1.77
C THR B 297 33.20 0.46 -0.61
N SER B 298 34.03 -0.49 -0.15
CA SER B 298 33.64 -1.42 0.90
C SER B 298 33.68 -0.73 2.27
N ASP B 299 32.86 0.31 2.39
CA ASP B 299 32.71 1.01 3.65
C ASP B 299 31.97 0.14 4.64
N PRO B 300 32.49 -0.08 5.85
CA PRO B 300 31.84 -1.00 6.79
C PRO B 300 30.52 -0.50 7.33
N THR B 301 30.18 0.77 7.15
CA THR B 301 28.97 1.35 7.70
C THR B 301 27.76 1.19 6.78
N LEU B 302 27.92 0.56 5.63
CA LEU B 302 26.84 0.34 4.68
C LEU B 302 26.77 -1.12 4.29
N PRO B 303 25.60 -1.61 3.87
CA PRO B 303 25.44 -3.03 3.54
C PRO B 303 26.42 -3.46 2.46
N PRO B 304 27.06 -4.61 2.62
CA PRO B 304 28.03 -5.07 1.62
C PRO B 304 27.38 -5.45 0.30
N VAL B 305 26.39 -6.33 0.35
CA VAL B 305 25.75 -6.86 -0.85
C VAL B 305 24.77 -5.84 -1.41
N PRO B 306 24.40 -5.91 -2.69
CA PRO B 306 23.34 -5.03 -3.19
C PRO B 306 22.03 -5.31 -2.47
N ARG B 307 21.27 -4.25 -2.26
CA ARG B 307 20.03 -4.35 -1.49
C ARG B 307 19.04 -5.27 -2.18
N GLY B 308 18.37 -6.12 -1.39
CA GLY B 308 17.37 -7.02 -1.91
C GLY B 308 17.89 -8.31 -2.50
N PHE B 309 19.18 -8.61 -2.32
CA PHE B 309 19.71 -9.85 -2.85
C PHE B 309 19.51 -10.99 -1.86
N CYS B 310 19.61 -12.22 -2.37
CA CYS B 310 19.22 -13.39 -1.60
C CYS B 310 20.07 -13.56 -0.34
N ASP B 311 19.42 -14.05 0.72
CA ASP B 311 20.12 -14.43 1.94
C ASP B 311 19.73 -15.83 2.39
N TRP B 312 19.43 -16.72 1.47
CA TRP B 312 19.07 -18.09 1.83
C TRP B 312 20.26 -18.81 2.43
N GLY B 313 20.00 -19.63 3.45
CA GLY B 313 21.05 -20.44 4.03
C GLY B 313 21.25 -21.75 3.28
N SER B 314 22.49 -22.23 3.32
CA SER B 314 22.85 -23.48 2.66
C SER B 314 23.57 -24.47 3.56
N GLY B 315 24.00 -24.07 4.74
CA GLY B 315 24.72 -24.94 5.65
C GLY B 315 25.92 -24.23 6.22
N VAL B 316 26.47 -24.79 7.29
CA VAL B 316 27.64 -24.22 7.95
C VAL B 316 28.86 -24.39 7.05
N LYS B 317 29.21 -25.64 6.76
CA LYS B 317 30.36 -25.95 5.91
C LYS B 317 30.20 -27.37 5.40
N SER B 318 29.69 -27.49 4.17
CA SER B 318 29.48 -28.83 3.55
C SER B 318 29.36 -28.66 2.03
N GLY B 319 30.27 -29.28 1.26
CA GLY B 319 30.20 -29.22 -0.21
C GLY B 319 29.08 -30.11 -0.72
N ALA B 320 28.54 -30.98 0.13
CA ALA B 320 27.47 -31.92 -0.28
C ALA B 320 26.37 -31.18 -1.06
N ARG B 321 25.77 -30.17 -0.45
CA ARG B 321 24.64 -29.47 -1.11
C ARG B 321 25.02 -28.00 -1.37
N GLN B 322 24.43 -27.39 -2.41
CA GLN B 322 24.74 -25.98 -2.77
C GLN B 322 23.58 -25.38 -3.57
N HIS B 323 22.88 -24.40 -3.00
CA HIS B 323 21.77 -23.73 -3.73
C HIS B 323 22.25 -23.33 -5.13
N LEU B 324 21.47 -23.62 -6.16
CA LEU B 324 21.93 -23.33 -7.54
C LEU B 324 21.51 -21.90 -7.93
N VAL B 325 22.42 -21.14 -8.55
CA VAL B 325 22.08 -19.79 -9.01
C VAL B 325 21.08 -19.84 -10.15
N CYS B 326 20.82 -21.03 -10.70
CA CYS B 326 19.85 -21.23 -11.77
C CYS B 326 20.34 -20.40 -12.97
N PHE B 327 19.60 -19.39 -13.41
CA PHE B 327 19.91 -18.74 -14.67
C PHE B 327 21.04 -17.74 -14.50
N THR B 328 22.16 -18.01 -15.17
CA THR B 328 23.30 -17.11 -15.21
C THR B 328 23.74 -16.92 -16.64
N GLY B 329 24.26 -15.74 -16.94
CA GLY B 329 24.57 -15.40 -18.31
C GLY B 329 25.82 -14.56 -18.42
N VAL B 330 26.47 -14.67 -19.58
CA VAL B 330 27.72 -13.99 -19.87
C VAL B 330 27.45 -12.71 -20.61
N GLU B 331 28.40 -11.79 -20.55
CA GLU B 331 28.32 -10.55 -21.30
C GLU B 331 28.33 -10.84 -22.80
N THR B 332 27.60 -10.01 -23.56
CA THR B 332 27.48 -10.18 -25.00
C THR B 332 28.49 -9.34 -25.78
N ASP B 333 29.43 -8.69 -25.09
CA ASP B 333 30.48 -7.86 -25.69
C ASP B 333 29.92 -6.68 -26.47
N ASN B 334 28.65 -6.34 -26.28
CA ASN B 334 28.05 -5.18 -26.94
C ASN B 334 27.50 -4.15 -25.97
N GLY B 335 27.37 -4.47 -24.68
CA GLY B 335 26.82 -3.53 -23.73
C GLY B 335 25.33 -3.39 -23.77
N GLU B 336 24.65 -4.17 -24.61
CA GLU B 336 23.20 -4.10 -24.75
C GLU B 336 22.49 -5.25 -24.07
N GLY B 337 23.20 -6.07 -23.30
CA GLY B 337 22.55 -7.17 -22.62
C GLY B 337 23.55 -8.25 -22.27
N TYR B 338 23.03 -9.47 -22.15
CA TYR B 338 23.84 -10.63 -21.79
C TYR B 338 23.56 -11.74 -22.79
N LYS B 339 24.23 -12.87 -22.60
CA LYS B 339 24.23 -13.94 -23.58
C LYS B 339 24.35 -15.30 -22.90
N ASP B 340 23.67 -16.28 -23.48
CA ASP B 340 23.82 -17.70 -23.12
C ASP B 340 23.49 -17.93 -21.65
N VAL B 341 22.20 -17.79 -21.34
CA VAL B 341 21.67 -18.10 -20.01
C VAL B 341 21.71 -19.62 -19.82
N ASP B 342 22.29 -20.06 -18.71
CA ASP B 342 22.45 -21.48 -18.41
C ASP B 342 22.22 -21.68 -16.92
N ALA B 343 21.91 -22.93 -16.55
CA ALA B 343 21.66 -23.28 -15.15
C ALA B 343 22.97 -23.65 -14.47
N HIS B 344 23.37 -22.85 -13.49
CA HIS B 344 24.61 -23.08 -12.75
C HIS B 344 24.32 -23.05 -11.26
N MET B 345 25.30 -23.47 -10.47
CA MET B 345 25.19 -23.51 -9.02
C MET B 345 26.25 -22.61 -8.39
N TRP B 346 25.88 -21.99 -7.28
CA TRP B 346 26.71 -20.98 -6.62
C TRP B 346 26.67 -21.20 -5.13
N ASP B 347 27.46 -20.39 -4.42
CA ASP B 347 27.43 -20.40 -2.96
C ASP B 347 28.22 -19.21 -2.45
N TYR B 348 27.98 -18.87 -1.18
CA TYR B 348 28.71 -17.81 -0.51
C TYR B 348 30.06 -18.31 -0.01
N GLY B 349 31.01 -17.38 0.10
CA GLY B 349 32.30 -17.72 0.68
C GLY B 349 33.07 -18.74 -0.14
N ASP B 350 33.62 -19.73 0.55
CA ASP B 350 34.45 -20.74 -0.09
C ASP B 350 34.18 -22.16 0.39
N ASP B 351 33.27 -22.35 1.35
CA ASP B 351 32.95 -23.66 1.91
C ASP B 351 34.16 -24.31 2.59
N ALA B 352 35.25 -23.56 2.77
CA ALA B 352 36.42 -24.07 3.48
C ALA B 352 36.74 -23.22 4.69
N THR B 353 36.78 -21.91 4.51
CA THR B 353 37.15 -20.99 5.58
C THR B 353 36.00 -20.84 6.57
N ILE B 354 36.32 -21.00 7.85
CA ILE B 354 35.30 -20.82 8.88
C ILE B 354 34.84 -19.38 8.99
N GLY B 355 35.74 -18.42 8.78
CA GLY B 355 35.39 -17.02 8.90
C GLY B 355 34.67 -16.42 7.72
N LEU B 356 34.49 -17.17 6.63
CA LEU B 356 33.81 -16.65 5.45
C LEU B 356 32.83 -17.63 4.82
N ASP B 357 32.60 -18.80 5.42
CA ASP B 357 31.68 -19.77 4.82
C ASP B 357 30.27 -19.23 4.76
N ASN B 358 29.82 -18.57 5.84
CA ASN B 358 28.49 -17.96 5.91
C ASN B 358 28.65 -16.61 6.59
N THR B 359 28.86 -15.57 5.79
CA THR B 359 29.07 -14.23 6.36
C THR B 359 28.30 -13.14 5.63
N TYR B 360 27.60 -13.45 4.54
CA TYR B 360 26.81 -12.47 3.80
C TYR B 360 27.71 -11.34 3.28
N GLN B 361 28.67 -11.72 2.44
CA GLN B 361 29.69 -10.80 1.96
C GLN B 361 29.73 -10.78 0.44
N ARG B 362 30.70 -10.05 -0.13
CA ARG B 362 30.80 -9.91 -1.57
C ARG B 362 31.28 -11.19 -2.25
N GLN B 363 32.30 -11.84 -1.69
CA GLN B 363 32.94 -12.96 -2.37
C GLN B 363 32.01 -14.17 -2.41
N ILE B 364 31.85 -14.75 -3.59
CA ILE B 364 31.07 -15.96 -3.80
C ILE B 364 31.85 -16.88 -4.74
N TYR B 365 31.36 -18.10 -4.89
CA TYR B 365 31.96 -19.03 -5.85
C TYR B 365 30.86 -19.75 -6.63
N ILE B 366 31.12 -19.99 -7.91
CA ILE B 366 30.19 -20.67 -8.79
C ILE B 366 30.89 -21.90 -9.36
N SER B 367 30.18 -23.03 -9.37
CA SER B 367 30.74 -24.29 -9.85
C SER B 367 30.49 -24.43 -11.35
N ASP B 368 31.58 -24.52 -12.12
CA ASP B 368 31.50 -24.70 -13.57
C ASP B 368 32.76 -25.41 -14.07
N PRO B 369 32.61 -26.57 -14.74
CA PRO B 369 33.80 -27.27 -15.22
C PRO B 369 34.61 -26.48 -16.22
N THR B 370 33.97 -25.69 -17.08
CA THR B 370 34.69 -24.91 -18.07
C THR B 370 35.32 -23.68 -17.43
N ALA B 371 36.22 -23.03 -18.16
CA ALA B 371 36.87 -21.83 -17.66
C ALA B 371 35.89 -20.67 -17.61
N LEU B 372 36.19 -19.70 -16.75
CA LEU B 372 35.36 -18.53 -16.56
C LEU B 372 36.04 -17.30 -17.18
N ASP B 373 35.25 -16.49 -17.87
CA ASP B 373 35.78 -15.30 -18.53
C ASP B 373 36.27 -14.31 -17.49
N SER B 374 37.58 -14.09 -17.44
CA SER B 374 38.15 -13.20 -16.44
C SER B 374 37.89 -11.75 -16.81
N GLY B 375 37.53 -10.95 -15.80
CA GLY B 375 37.29 -9.54 -16.03
C GLY B 375 36.01 -9.23 -16.75
N LYS B 376 35.12 -10.21 -16.91
CA LYS B 376 33.86 -10.03 -17.60
C LYS B 376 32.72 -10.29 -16.63
N ARG B 377 31.75 -9.38 -16.59
CA ARG B 377 30.64 -9.46 -15.67
C ARG B 377 29.59 -10.44 -16.16
N TYR B 378 28.85 -10.99 -15.21
CA TYR B 378 27.79 -11.95 -15.47
C TYR B 378 26.51 -11.53 -14.77
N ILE B 379 25.39 -12.00 -15.30
CA ILE B 379 24.06 -11.76 -14.74
C ILE B 379 23.60 -13.04 -14.06
N ILE B 380 22.93 -12.90 -12.91
CA ILE B 380 22.46 -14.03 -12.13
C ILE B 380 21.04 -13.79 -11.65
N ILE B 381 20.22 -14.83 -11.70
CA ILE B 381 18.85 -14.80 -11.21
C ILE B 381 18.65 -15.97 -10.25
N PRO B 382 19.00 -15.82 -8.98
CA PRO B 382 18.97 -16.97 -8.05
C PRO B 382 17.56 -17.47 -7.83
N MET B 383 17.34 -18.77 -8.10
CA MET B 383 16.06 -19.40 -7.82
C MET B 383 16.28 -20.91 -7.71
N GLY B 384 16.18 -21.45 -6.50
CA GLY B 384 16.27 -22.87 -6.28
C GLY B 384 17.45 -23.27 -5.41
N ALA B 385 17.40 -24.50 -4.90
CA ALA B 385 18.47 -25.04 -4.08
C ALA B 385 18.79 -26.46 -4.53
N SER B 386 20.08 -26.82 -4.49
CA SER B 386 20.53 -28.11 -4.95
C SER B 386 21.23 -28.87 -3.82
N GLY B 387 21.50 -30.14 -4.07
CA GLY B 387 22.09 -31.01 -3.07
C GLY B 387 21.02 -31.81 -2.33
N SER B 388 21.23 -32.01 -1.03
CA SER B 388 20.24 -32.65 -0.17
C SER B 388 19.60 -31.64 0.79
N ALA B 389 19.53 -30.37 0.39
CA ALA B 389 19.04 -29.32 1.27
C ALA B 389 17.54 -29.48 1.52
N THR B 390 17.14 -29.24 2.76
CA THR B 390 15.74 -29.26 3.17
C THR B 390 15.33 -27.87 3.63
N ASP B 391 14.03 -27.74 3.95
CA ASP B 391 13.50 -26.44 4.37
C ASP B 391 14.17 -25.93 5.63
N ASP B 392 14.57 -26.84 6.53
CA ASP B 392 15.25 -26.42 7.74
C ASP B 392 16.60 -25.79 7.42
N THR B 393 17.32 -26.36 6.43
CA THR B 393 18.60 -25.81 6.04
C THR B 393 18.44 -24.40 5.44
N LEU B 394 17.40 -24.20 4.63
CA LEU B 394 17.20 -22.90 3.99
C LEU B 394 16.64 -21.87 4.95
N GLN B 395 15.91 -22.32 5.98
CA GLN B 395 15.24 -21.37 6.89
C GLN B 395 16.25 -20.51 7.63
N ILE B 396 17.33 -21.10 8.12
CA ILE B 396 18.36 -20.31 8.78
C ILE B 396 19.12 -19.49 7.75
N SER B 397 19.47 -18.27 8.14
CA SER B 397 20.13 -17.32 7.26
C SER B 397 21.60 -17.21 7.64
N PRO B 398 22.48 -17.02 6.67
CA PRO B 398 23.90 -16.81 6.99
C PRO B 398 24.08 -15.57 7.84
N ASN B 399 24.69 -15.77 9.01
CA ASN B 399 24.89 -14.66 9.93
C ASN B 399 25.89 -13.66 9.35
N CYS B 400 25.66 -12.39 9.67
CA CYS B 400 26.48 -11.29 9.16
C CYS B 400 27.16 -10.58 10.32
N TYR B 401 28.46 -10.33 10.17
CA TYR B 401 29.25 -9.59 11.13
C TYR B 401 29.89 -8.38 10.45
N GLY B 402 30.05 -7.30 11.20
CA GLY B 402 30.57 -6.06 10.67
C GLY B 402 30.01 -4.88 11.45
N SER B 403 29.95 -3.72 10.78
CA SER B 403 29.50 -2.49 11.41
C SER B 403 28.20 -1.94 10.86
N TRP B 404 27.72 -2.41 9.71
CA TRP B 404 26.47 -1.91 9.17
C TRP B 404 25.29 -2.37 10.02
N ASP B 405 24.34 -1.47 10.22
CA ASP B 405 23.19 -1.74 11.08
C ASP B 405 22.32 -2.83 10.44
N TYR B 406 22.36 -4.02 11.02
CA TYR B 406 21.65 -5.18 10.50
C TYR B 406 20.52 -5.59 11.43
N ALA B 407 19.59 -6.35 10.89
CA ALA B 407 18.40 -6.73 11.65
C ALA B 407 18.78 -7.70 12.76
N PRO B 408 18.45 -7.40 14.01
CA PRO B 408 18.75 -8.35 15.10
C PRO B 408 17.87 -9.57 15.07
N THR B 409 18.28 -10.64 15.74
CA THR B 409 17.48 -11.85 15.85
C THR B 409 16.25 -11.59 16.71
N ILE B 410 15.16 -12.25 16.37
CA ILE B 410 13.86 -12.01 16.99
C ILE B 410 13.33 -13.32 17.56
N ALA B 411 12.84 -13.27 18.80
CA ALA B 411 12.21 -14.42 19.44
C ALA B 411 10.90 -13.98 20.08
N PRO B 412 9.80 -14.67 19.81
CA PRO B 412 8.52 -14.27 20.38
C PRO B 412 8.46 -14.59 21.86
N PRO B 413 7.52 -14.01 22.60
CA PRO B 413 7.37 -14.36 24.02
C PRO B 413 6.95 -15.81 24.19
N LEU B 414 7.18 -16.33 25.39
CA LEU B 414 6.96 -17.74 25.68
C LEU B 414 5.50 -18.12 25.47
N GLY B 415 5.28 -19.32 24.93
CA GLY B 415 3.94 -19.80 24.67
C GLY B 415 3.33 -19.34 23.36
N GLU B 416 4.08 -18.63 22.52
CA GLU B 416 3.56 -18.11 21.28
C GLU B 416 4.48 -18.50 20.13
N GLN B 417 3.92 -18.55 18.93
CA GLN B 417 4.62 -18.96 17.73
C GLN B 417 4.63 -17.81 16.73
N ILE B 418 5.06 -18.10 15.50
CA ILE B 418 5.15 -17.10 14.45
C ILE B 418 4.49 -17.65 13.19
N VAL B 419 3.79 -16.78 12.46
CA VAL B 419 3.19 -17.12 11.18
C VAL B 419 4.17 -16.70 10.07
N TRP B 420 4.43 -17.61 9.13
CA TRP B 420 5.63 -17.52 8.32
C TRP B 420 5.43 -17.26 6.83
N PHE B 421 4.18 -17.18 6.33
CA PHE B 421 3.93 -16.86 4.92
C PHE B 421 4.72 -17.79 3.99
N ARG B 422 4.57 -19.09 4.17
CA ARG B 422 5.37 -20.03 3.41
C ARG B 422 4.88 -20.14 1.97
N SER B 423 5.81 -20.46 1.07
CA SER B 423 5.51 -20.60 -0.35
C SER B 423 6.30 -21.76 -0.91
N TYR B 424 5.78 -22.33 -2.00
CA TYR B 424 6.29 -23.58 -2.58
C TYR B 424 7.26 -23.24 -3.71
N LEU B 425 8.48 -23.76 -3.62
CA LEU B 425 9.53 -23.52 -4.60
C LEU B 425 9.77 -24.79 -5.41
N PRO B 426 9.43 -24.82 -6.69
CA PRO B 426 9.64 -26.02 -7.50
C PRO B 426 11.11 -26.27 -7.77
N ALA B 427 11.38 -27.31 -8.55
CA ALA B 427 12.75 -27.73 -8.85
C ALA B 427 13.06 -27.49 -10.32
N SER B 428 14.29 -27.05 -10.58
CA SER B 428 14.79 -26.78 -11.93
C SER B 428 16.14 -27.50 -12.09
N SER B 429 16.08 -28.76 -12.52
CA SER B 429 17.26 -29.58 -12.69
C SER B 429 17.57 -29.71 -14.18
N THR B 430 18.58 -30.51 -14.51
CA THR B 430 18.95 -30.74 -15.90
C THR B 430 19.57 -32.13 -16.02
N SER B 431 19.52 -32.68 -17.24
CA SER B 431 20.14 -33.96 -17.55
C SER B 431 21.33 -33.68 -18.46
N ALA B 432 22.48 -33.42 -17.85
CA ALA B 432 23.66 -33.04 -18.61
C ALA B 432 24.88 -33.71 -17.99
N SER B 433 26.05 -33.38 -18.55
CA SER B 433 27.30 -34.00 -18.12
C SER B 433 27.59 -33.73 -16.65
N SER B 434 27.53 -32.46 -16.24
CA SER B 434 27.74 -32.12 -14.83
C SER B 434 26.48 -32.36 -14.01
N GLY B 435 25.34 -31.91 -14.51
CA GLY B 435 24.08 -32.16 -13.84
C GLY B 435 23.92 -31.31 -12.59
N VAL B 436 22.75 -31.48 -11.97
CA VAL B 436 22.41 -30.78 -10.74
C VAL B 436 21.33 -31.59 -10.02
N ASN B 437 21.43 -31.64 -8.69
CA ASN B 437 20.49 -32.39 -7.86
C ASN B 437 19.49 -31.48 -7.15
N SER B 438 19.05 -30.44 -7.84
CA SER B 438 18.12 -29.48 -7.26
C SER B 438 16.77 -30.14 -6.98
N VAL B 439 16.19 -29.81 -5.82
CA VAL B 439 14.94 -30.40 -5.37
C VAL B 439 13.98 -29.30 -4.93
N SER B 440 12.70 -29.66 -4.91
CA SER B 440 11.65 -28.74 -4.50
C SER B 440 11.70 -28.51 -2.99
N ALA B 441 11.19 -27.37 -2.55
CA ALA B 441 11.26 -27.00 -1.13
C ALA B 441 10.19 -25.97 -0.82
N HIS B 442 10.26 -25.39 0.37
CA HIS B 442 9.37 -24.32 0.80
C HIS B 442 10.21 -23.22 1.43
N ILE B 443 9.83 -21.97 1.14
CA ILE B 443 10.55 -20.80 1.63
C ILE B 443 9.55 -19.89 2.33
N SER B 444 9.91 -19.40 3.51
CA SER B 444 9.03 -18.60 4.34
C SER B 444 9.67 -17.24 4.60
N SER B 445 8.81 -16.23 4.80
CA SER B 445 9.26 -14.87 5.05
C SER B 445 8.51 -14.31 6.25
N LEU B 446 9.13 -13.34 6.92
CA LEU B 446 8.56 -12.84 8.17
C LEU B 446 7.25 -12.09 7.95
N MET B 447 7.23 -11.17 6.99
CA MET B 447 6.04 -10.36 6.77
C MET B 447 6.03 -9.82 5.34
N SER B 448 4.89 -9.95 4.68
CA SER B 448 4.75 -9.39 3.34
C SER B 448 4.60 -7.88 3.40
N PRO B 449 5.18 -7.15 2.46
CA PRO B 449 5.07 -5.67 2.52
C PRO B 449 3.66 -5.16 2.32
N ASP B 450 2.79 -5.93 1.67
CA ASP B 450 1.44 -5.45 1.38
C ASP B 450 0.65 -5.21 2.66
N LEU B 451 0.79 -6.10 3.64
CA LEU B 451 0.02 -5.95 4.88
C LEU B 451 0.52 -4.78 5.72
N ILE B 452 1.85 -4.67 5.88
CA ILE B 452 2.42 -3.62 6.72
C ILE B 452 2.35 -2.25 6.06
N ARG B 453 2.29 -2.18 4.74
CA ARG B 453 2.33 -0.90 4.05
C ARG B 453 1.13 -0.03 4.40
N SER B 454 0.00 -0.63 4.75
CA SER B 454 -1.21 0.14 4.99
C SER B 454 -1.13 0.93 6.28
N ALA B 455 -0.42 0.42 7.28
CA ALA B 455 -0.41 1.05 8.59
C ALA B 455 0.60 2.18 8.69
N TYR B 456 0.54 3.14 7.78
CA TYR B 456 1.41 4.31 7.86
C TYR B 456 0.60 5.59 7.92
N VAL B 457 -0.60 5.57 7.33
CA VAL B 457 -1.51 6.69 7.48
C VAL B 457 -1.93 6.86 8.92
N SER B 458 -2.27 5.76 9.60
CA SER B 458 -2.65 5.75 11.00
C SER B 458 -1.68 4.83 11.74
N GLY B 459 -0.61 5.41 12.29
CA GLY B 459 0.41 4.63 12.95
C GLY B 459 -0.07 4.02 14.25
N PHE B 460 0.73 3.07 14.75
CA PHE B 460 0.41 2.41 15.99
C PHE B 460 0.51 3.39 17.16
N PRO B 461 -0.35 3.26 18.17
CA PRO B 461 -0.11 3.98 19.42
C PRO B 461 1.15 3.47 20.08
N GLU B 462 1.82 4.32 20.86
CA GLU B 462 3.14 4.01 21.38
C GLU B 462 3.08 2.79 22.30
N GLY B 463 4.01 1.86 22.10
CA GLY B 463 4.17 0.67 22.93
C GLY B 463 2.87 -0.15 22.98
N LYS B 464 2.25 -0.33 21.83
CA LYS B 464 1.02 -1.11 21.74
C LYS B 464 1.11 -2.06 20.56
N ALA B 465 0.47 -3.21 20.70
CA ALA B 465 0.33 -4.16 19.62
C ALA B 465 -1.11 -4.17 19.12
N ALA B 466 -1.31 -4.70 17.92
CA ALA B 466 -2.63 -4.74 17.31
C ALA B 466 -3.16 -6.16 17.28
N LEU B 467 -4.33 -6.36 17.87
CA LEU B 467 -5.01 -7.64 17.84
C LEU B 467 -5.96 -7.64 16.66
N LEU B 468 -5.77 -8.57 15.73
CA LEU B 468 -6.57 -8.64 14.51
C LEU B 468 -7.06 -10.07 14.29
N ASP B 469 -8.04 -10.21 13.40
CA ASP B 469 -8.68 -11.49 13.15
C ASP B 469 -8.45 -11.93 11.72
N TYR B 470 -8.39 -13.24 11.51
CA TYR B 470 -8.33 -13.84 10.19
C TYR B 470 -9.53 -14.77 10.04
N VAL B 471 -10.41 -14.47 9.10
CA VAL B 471 -11.68 -15.18 8.96
C VAL B 471 -11.60 -16.09 7.76
N LEU B 472 -12.28 -17.23 7.83
CA LEU B 472 -12.33 -18.19 6.73
C LEU B 472 -13.78 -18.45 6.34
N TYR B 473 -13.96 -18.85 5.08
CA TYR B 473 -15.27 -19.23 4.53
C TYR B 473 -16.17 -18.00 4.60
N GLY B 474 -17.35 -18.09 5.21
CA GLY B 474 -18.21 -16.94 5.37
C GLY B 474 -18.20 -16.41 6.78
N GLY B 475 -17.03 -16.48 7.42
CA GLY B 475 -16.91 -16.11 8.82
C GLY B 475 -17.22 -17.23 9.79
N SER B 476 -17.40 -18.45 9.31
CA SER B 476 -17.75 -19.56 10.20
C SER B 476 -16.62 -19.90 11.16
N VAL B 477 -15.37 -19.69 10.74
CA VAL B 477 -14.21 -19.96 11.59
C VAL B 477 -13.28 -18.76 11.56
N VAL B 478 -12.99 -18.21 12.73
CA VAL B 478 -12.17 -17.02 12.87
C VAL B 478 -11.01 -17.34 13.81
N GLU B 479 -9.79 -17.11 13.34
CA GLU B 479 -8.59 -17.18 14.16
C GLU B 479 -8.21 -15.77 14.59
N GLN B 480 -7.48 -15.67 15.70
CA GLN B 480 -7.04 -14.38 16.20
C GLN B 480 -5.53 -14.34 16.25
N PHE B 481 -4.94 -13.27 15.71
CA PHE B 481 -3.51 -13.06 15.72
C PHE B 481 -3.20 -11.73 16.40
N LYS B 482 -1.99 -11.64 16.95
CA LYS B 482 -1.48 -10.42 17.54
C LYS B 482 -0.25 -9.99 16.76
N MET B 483 -0.25 -8.74 16.30
CA MET B 483 0.83 -8.20 15.50
C MET B 483 1.58 -7.17 16.34
N TYR B 484 2.88 -7.35 16.48
CA TYR B 484 3.71 -6.50 17.30
C TYR B 484 4.21 -5.30 16.52
N ARG B 485 5.11 -4.53 17.15
CA ARG B 485 5.67 -3.35 16.51
C ARG B 485 6.64 -3.71 15.39
N GLU B 486 7.39 -4.79 15.53
CA GLU B 486 8.43 -5.16 14.58
C GLU B 486 7.89 -5.93 13.38
N GLY B 487 6.63 -6.33 13.40
CA GLY B 487 6.02 -6.94 12.24
C GLY B 487 6.00 -8.44 12.18
N TYR B 488 5.62 -9.12 13.27
CA TYR B 488 5.42 -10.56 13.25
C TYR B 488 4.17 -10.90 14.05
N LEU B 489 3.50 -11.98 13.65
CA LEU B 489 2.21 -12.35 14.22
C LEU B 489 2.37 -13.63 15.03
N THR B 490 1.79 -13.63 16.24
CA THR B 490 1.75 -14.81 17.08
C THR B 490 0.34 -15.37 17.09
N ALA B 491 0.22 -16.66 17.35
CA ALA B 491 -1.06 -17.35 17.22
C ALA B 491 -1.29 -18.34 18.35
N ASN B 492 -0.73 -18.05 19.52
CA ASN B 492 -0.91 -18.89 20.72
C ASN B 492 -0.42 -20.31 20.40
N ALA B 493 -0.98 -21.32 21.04
CA ALA B 493 -0.53 -22.69 20.81
C ALA B 493 -1.66 -23.65 21.19
N THR B 494 -1.70 -24.78 20.49
CA THR B 494 -2.66 -25.83 20.78
C THR B 494 -1.95 -27.15 21.05
N GLY B 495 -0.78 -27.34 20.43
CA GLY B 495 -0.04 -28.56 20.60
C GLY B 495 1.22 -28.55 19.78
N THR B 496 1.87 -29.71 19.70
CA THR B 496 3.07 -29.86 18.90
C THR B 496 2.77 -30.59 17.60
N ASN B 497 3.18 -30.00 16.49
CA ASN B 497 2.94 -30.57 15.17
C ASN B 497 4.07 -30.17 14.25
N THR B 498 4.06 -30.74 13.04
CA THR B 498 5.06 -30.44 12.01
C THR B 498 4.76 -29.15 11.26
N GLY B 499 3.94 -28.28 11.83
CA GLY B 499 3.58 -27.03 11.20
C GLY B 499 2.15 -27.02 10.69
N PHE B 500 1.27 -26.36 11.43
CA PHE B 500 -0.13 -26.29 11.03
C PHE B 500 -0.28 -25.34 9.85
N ILE B 501 -1.18 -25.70 8.94
CA ILE B 501 -1.35 -25.02 7.67
C ILE B 501 -2.69 -24.29 7.68
N ILE B 502 -2.66 -23.01 7.33
CA ILE B 502 -3.85 -22.17 7.26
C ILE B 502 -4.05 -21.77 5.80
N PRO B 503 -5.24 -21.99 5.22
CA PRO B 503 -5.44 -21.62 3.83
C PRO B 503 -5.42 -20.11 3.64
N PRO B 504 -5.10 -19.62 2.45
CA PRO B 504 -5.03 -18.17 2.23
C PRO B 504 -6.36 -17.57 1.79
N ASP B 505 -7.44 -18.34 1.88
CA ASP B 505 -8.75 -17.87 1.43
C ASP B 505 -9.44 -17.12 2.57
N GLY B 506 -8.86 -15.99 2.93
CA GLY B 506 -9.41 -15.16 3.99
C GLY B 506 -8.76 -13.80 3.99
N TYR B 507 -9.39 -12.89 4.73
CA TYR B 507 -8.90 -11.52 4.85
C TYR B 507 -8.70 -11.15 6.31
N PHE B 508 -7.67 -10.35 6.56
CA PHE B 508 -7.41 -9.84 7.89
C PHE B 508 -8.45 -8.79 8.26
N ARG B 509 -8.84 -8.77 9.53
CA ARG B 509 -9.79 -7.79 10.03
C ARG B 509 -9.27 -7.25 11.35
N PHE B 510 -9.15 -5.93 11.44
CA PHE B 510 -8.68 -5.29 12.66
C PHE B 510 -9.70 -5.48 13.78
N ASN B 511 -9.20 -5.79 14.98
CA ASN B 511 -10.08 -6.01 16.13
C ASN B 511 -9.90 -4.97 17.21
N SER B 512 -8.67 -4.78 17.71
CA SER B 512 -8.47 -3.83 18.81
C SER B 512 -6.98 -3.57 18.98
N TRP B 513 -6.66 -2.70 19.93
CA TRP B 513 -5.29 -2.46 20.39
C TRP B 513 -5.12 -3.11 21.76
N VAL B 514 -4.01 -3.82 21.93
CA VAL B 514 -3.73 -4.53 23.17
C VAL B 514 -2.30 -4.29 23.59
N SER B 515 -2.02 -4.56 24.86
CA SER B 515 -0.66 -4.47 25.37
C SER B 515 0.16 -5.63 24.84
N PRO B 516 1.49 -5.50 24.77
CA PRO B 516 2.32 -6.59 24.24
C PRO B 516 2.24 -7.88 25.05
N THR B 517 1.76 -7.81 26.30
CA THR B 517 1.68 -8.98 27.16
C THR B 517 0.31 -9.63 27.13
N PHE B 518 -0.58 -9.20 26.24
CA PHE B 518 -1.92 -9.75 26.18
C PHE B 518 -1.88 -11.23 25.79
N VAL B 519 -2.79 -12.00 26.36
CA VAL B 519 -2.88 -13.43 26.08
C VAL B 519 -4.10 -13.68 25.20
N ILE B 520 -3.88 -14.31 24.05
CA ILE B 520 -4.97 -14.53 23.11
C ILE B 520 -5.97 -15.49 23.73
N GLY B 521 -7.25 -15.10 23.72
CA GLY B 521 -8.30 -15.92 24.29
C GLY B 521 -8.55 -17.20 23.51
N ASN B 522 -8.92 -17.05 22.24
CA ASN B 522 -9.15 -18.20 21.38
C ASN B 522 -7.86 -18.96 21.11
N VAL B 523 -7.93 -20.28 21.14
CA VAL B 523 -6.79 -21.12 20.88
C VAL B 523 -6.84 -21.62 19.44
N VAL B 524 -5.73 -22.21 18.99
CA VAL B 524 -5.59 -22.60 17.58
C VAL B 524 -6.60 -23.64 17.15
N ASP B 525 -7.03 -24.52 18.05
CA ASP B 525 -7.99 -25.59 17.75
C ASP B 525 -7.48 -26.49 16.63
N LEU B 526 -6.32 -27.08 16.89
CA LEU B 526 -5.67 -28.02 15.95
C LEU B 526 -5.48 -27.40 14.57
#